data_5DUR
#
_entry.id   5DUR
#
_cell.length_a   88.094
_cell.length_b   101.223
_cell.length_c   206.301
_cell.angle_alpha   90.00
_cell.angle_beta   90.00
_cell.angle_gamma   90.00
#
_symmetry.space_group_name_H-M   'P 21 21 21'
#
loop_
_entity.id
_entity.type
_entity.pdbx_description
1 polymer 'Heavy Chain of Antibody 100F4'
2 polymer 'Light Chain of Antibody 100F4'
3 polymer Hemagglutinin
4 non-polymer 2-acetamido-2-deoxy-beta-D-glucopyranose
5 water water
#
loop_
_entity_poly.entity_id
_entity_poly.type
_entity_poly.pdbx_seq_one_letter_code
_entity_poly.pdbx_strand_id
1 'polypeptide(L)'
;QLQLQESGLGLVKPSETLSLTCTVSGDSVSSGSYYWSWLRQPPGKGLEWIGNMHGSGHTNYNPSLKSRVTITPDTSKNHF
SLRLSSVTAADTAVYYCARALLTTVTTFEYWGQGTLVTVSSASTKGPSVFPLAPSSKSTSGGTAALGCLVKDYFPEPVTV
SWNSGALTSGVHTFPAVLQSSGLYSLSSVVTVPSSSLGTQTYICNVNHKPSNTKVDKKVEPKSCDKTHTCP
;
H,B
2 'polypeptide(L)'
;QSALTQPPSVSGAPGQRVTIPCTGGSSNIGAGYSVHWYQQLPGTAPKLLIYGSNSRPSGVPDRFSGSKSGTSASLAITGL
RPEDEADYYCQSYDSSLSGSQVFGAGTRVTVLGQPKANPTVTLFPPSSEELQANKATLVCLISDFYPGAVTVAWKADGSP
VKAGVETTTPSKQSNNKYAASSYLSLTPEQWKSHRSYSCQVTHEGSTVEKTVAPTECS
;
L,D
3 'polypeptide(L)'
;ADPDGVKPLILRDCSVAGWLLGNPMCDEFINVPEWSYIVEKANPANDLCYPGNFNDYEELKHLLSRINHFEKIQIIPKSS
WSDHEASSGVSSACPYQGTPSFFRNVVWLIKKNNTYPTIKRSYNNTNQEDLLILWGIHHSNDAAEQTKLYQNPTTYISVG
TSTLNQRLVPKIATRSKVNGQSGRMDFFWTILKPNDAINFESNGNFIAPEYAYKIVKKGDSAIVKSEHHHHHH
;
C,A
#
loop_
_chem_comp.id
_chem_comp.type
_chem_comp.name
_chem_comp.formula
NAG D-saccharide, beta linking 2-acetamido-2-deoxy-beta-D-glucopyranose 'C8 H15 N O6'
#
# COMPACT_ATOMS: atom_id res chain seq x y z
N LEU A 2 -28.08 -9.72 23.89
CA LEU A 2 -27.89 -8.72 22.85
C LEU A 2 -26.62 -8.96 22.03
N GLN A 3 -26.80 -9.22 20.73
CA GLN A 3 -25.68 -9.35 19.81
C GLN A 3 -25.82 -8.39 18.63
N LEU A 4 -24.69 -7.88 18.18
CA LEU A 4 -24.59 -6.96 17.05
C LEU A 4 -23.68 -7.60 16.02
N GLN A 5 -24.06 -7.54 14.75
CA GLN A 5 -23.24 -8.18 13.71
C GLN A 5 -23.19 -7.30 12.45
N GLU A 6 -21.99 -6.92 12.06
CA GLU A 6 -21.74 -6.16 10.83
C GLU A 6 -21.75 -7.07 9.64
N SER A 7 -22.10 -6.53 8.48
CA SER A 7 -21.92 -7.25 7.22
C SER A 7 -22.04 -6.32 6.01
N GLY A 8 -21.46 -6.75 4.90
CA GLY A 8 -21.43 -5.97 3.68
C GLY A 8 -20.24 -6.32 2.81
N LEU A 9 -20.11 -5.67 1.66
CA LEU A 9 -19.01 -5.96 0.75
C LEU A 9 -17.66 -5.84 1.47
N GLY A 10 -16.65 -6.60 1.02
CA GLY A 10 -15.33 -6.52 1.61
C GLY A 10 -14.40 -5.58 0.86
N LEU A 11 -14.66 -5.41 -0.43
CA LEU A 11 -13.84 -4.58 -1.31
C LEU A 11 -14.75 -3.61 -2.02
N VAL A 12 -14.38 -2.34 -1.98
CA VAL A 12 -15.18 -1.28 -2.56
C VAL A 12 -14.30 -0.38 -3.42
N LYS A 13 -14.76 -0.05 -4.62
CA LYS A 13 -14.00 0.87 -5.48
C LYS A 13 -14.03 2.33 -4.98
N PRO A 14 -12.93 3.06 -5.15
CA PRO A 14 -12.89 4.48 -4.81
C PRO A 14 -13.92 5.31 -5.59
N SER A 15 -14.47 6.33 -4.92
CA SER A 15 -15.52 7.24 -5.40
C SER A 15 -16.91 6.64 -5.36
N GLU A 16 -17.00 5.33 -5.15
CA GLU A 16 -18.30 4.71 -4.98
C GLU A 16 -18.79 4.78 -3.55
N THR A 17 -19.93 4.15 -3.27
CA THR A 17 -20.52 4.22 -1.94
C THR A 17 -20.33 2.94 -1.15
N LEU A 18 -19.62 3.04 -0.04
CA LEU A 18 -19.48 1.96 0.92
C LEU A 18 -20.81 1.79 1.64
N SER A 19 -21.22 0.54 1.84
CA SER A 19 -22.49 0.28 2.50
C SER A 19 -22.39 -0.87 3.50
N LEU A 20 -22.87 -0.67 4.73
CA LEU A 20 -22.86 -1.75 5.72
C LEU A 20 -24.17 -1.83 6.50
N THR A 21 -24.62 -3.04 6.86
CA THR A 21 -25.73 -3.11 7.82
C THR A 21 -25.33 -3.82 9.11
N CYS A 22 -25.98 -3.41 10.20
CA CYS A 22 -25.80 -4.03 11.51
C CYS A 22 -27.05 -4.81 11.86
N THR A 23 -26.90 -6.09 12.11
CA THR A 23 -28.04 -6.94 12.42
C THR A 23 -28.14 -7.11 13.93
N VAL A 24 -29.24 -6.67 14.51
CA VAL A 24 -29.39 -6.61 15.96
C VAL A 24 -30.34 -7.65 16.53
N SER A 25 -29.98 -8.29 17.65
CA SER A 25 -30.88 -9.25 18.29
C SER A 25 -31.10 -9.02 19.79
N GLY A 26 -32.37 -8.82 20.17
CA GLY A 26 -32.75 -8.56 21.54
C GLY A 26 -32.90 -7.06 21.72
N ASP A 27 -34.08 -6.58 22.16
CA ASP A 27 -34.33 -5.13 22.42
C ASP A 27 -33.88 -4.33 21.17
N SER A 28 -34.78 -4.18 20.20
CA SER A 28 -34.34 -3.77 18.87
C SER A 28 -34.28 -2.25 18.62
N VAL A 29 -33.57 -1.92 17.54
CA VAL A 29 -33.33 -0.55 17.04
C VAL A 29 -34.52 0.43 17.08
N SER A 30 -35.63 0.01 17.70
CA SER A 30 -36.71 0.91 18.06
C SER A 30 -36.34 1.59 19.39
N SER A 31 -36.95 1.13 20.49
CA SER A 31 -36.57 1.61 21.84
C SER A 31 -36.70 3.12 22.02
N GLY A 32 -35.60 3.80 21.70
CA GLY A 32 -35.46 5.24 21.81
C GLY A 32 -34.65 5.59 23.03
N SER A 33 -34.20 4.57 23.75
CA SER A 33 -33.33 4.73 24.89
C SER A 33 -31.85 4.71 24.49
N TYR A 34 -31.57 4.40 23.23
CA TYR A 34 -30.19 4.21 22.82
C TYR A 34 -29.79 4.89 21.53
N TYR A 35 -28.49 5.05 21.36
CA TYR A 35 -27.88 5.41 20.09
C TYR A 35 -27.43 4.16 19.34
N TRP A 36 -27.56 4.20 18.02
CA TRP A 36 -27.13 3.12 17.16
C TRP A 36 -26.03 3.67 16.26
N SER A 37 -24.81 3.17 16.45
CA SER A 37 -23.62 3.89 16.01
C SER A 37 -22.68 3.10 15.15
N TRP A 38 -21.91 3.83 14.34
CA TRP A 38 -20.82 3.23 13.58
C TRP A 38 -19.48 3.84 13.99
N LEU A 39 -18.49 2.99 14.18
CA LEU A 39 -17.14 3.45 14.44
C LEU A 39 -16.24 2.74 13.47
N ARG A 40 -14.98 3.12 13.42
CA ARG A 40 -14.09 2.40 12.54
C ARG A 40 -12.65 2.45 13.03
N GLN A 41 -11.84 1.53 12.49
CA GLN A 41 -10.43 1.37 12.85
C GLN A 41 -9.54 1.13 11.62
N PRO A 42 -8.86 2.19 11.15
CA PRO A 42 -7.94 2.21 9.99
C PRO A 42 -6.66 1.42 10.22
N PRO A 43 -5.91 1.13 9.15
CA PRO A 43 -4.59 0.48 9.28
C PRO A 43 -3.68 1.34 10.12
N GLY A 44 -2.87 0.73 10.98
CA GLY A 44 -2.17 1.48 12.03
C GLY A 44 -3.28 2.09 12.86
N LYS A 45 -3.73 1.31 13.85
CA LYS A 45 -4.95 1.53 14.64
C LYS A 45 -5.26 2.97 15.12
N GLY A 46 -6.30 3.07 15.93
CA GLY A 46 -6.79 4.35 16.39
C GLY A 46 -8.24 4.23 16.04
N LEU A 47 -9.08 4.50 17.02
CA LEU A 47 -10.52 4.44 16.83
C LEU A 47 -11.01 5.72 16.18
N GLU A 48 -12.02 5.61 15.35
CA GLU A 48 -12.57 6.79 14.72
C GLU A 48 -14.09 6.68 14.74
N TRP A 49 -14.75 7.76 15.13
CA TRP A 49 -16.21 7.78 15.22
C TRP A 49 -16.83 8.21 13.90
N ILE A 50 -17.86 7.49 13.46
CA ILE A 50 -18.52 7.88 12.24
C ILE A 50 -19.80 8.65 12.56
N GLY A 51 -20.69 8.07 13.36
CA GLY A 51 -21.88 8.79 13.78
C GLY A 51 -22.82 7.99 14.67
N ASN A 52 -23.75 8.72 15.30
CA ASN A 52 -24.82 8.12 16.06
C ASN A 52 -26.16 8.36 15.39
N MET A 53 -27.07 7.41 15.54
CA MET A 53 -28.43 7.59 15.07
C MET A 53 -29.37 7.22 16.18
N HIS A 54 -30.45 7.98 16.33
CA HIS A 54 -31.48 7.68 17.29
C HIS A 54 -32.71 7.18 16.53
N GLY A 55 -33.45 6.24 17.11
CA GLY A 55 -34.60 5.66 16.44
C GLY A 55 -35.61 6.66 15.90
N SER A 56 -35.45 7.92 16.28
CA SER A 56 -36.38 8.94 15.83
C SER A 56 -35.95 9.49 14.47
N GLY A 57 -34.76 9.11 14.02
CA GLY A 57 -34.25 9.62 12.76
C GLY A 57 -33.38 10.86 12.92
N HIS A 58 -33.15 11.30 14.17
CA HIS A 58 -32.18 12.35 14.41
C HIS A 58 -30.79 11.72 14.54
N THR A 59 -29.78 12.39 13.99
CA THR A 59 -28.45 11.82 13.84
C THR A 59 -27.38 12.83 14.20
N ASN A 60 -26.21 12.35 14.56
CA ASN A 60 -25.05 13.19 14.81
C ASN A 60 -23.82 12.55 14.19
N TYR A 61 -23.27 13.19 13.17
CA TYR A 61 -22.17 12.63 12.40
C TYR A 61 -20.85 13.26 12.77
N ASN A 62 -19.76 12.59 12.42
CA ASN A 62 -18.45 13.15 12.59
C ASN A 62 -18.25 14.29 11.60
N PRO A 63 -17.88 15.48 12.09
CA PRO A 63 -17.71 16.64 11.20
C PRO A 63 -16.76 16.45 10.00
N SER A 64 -15.81 15.53 10.06
CA SER A 64 -14.94 15.27 8.91
C SER A 64 -15.62 14.47 7.79
N LEU A 65 -16.82 13.99 8.05
CA LEU A 65 -17.43 13.06 7.12
C LEU A 65 -18.91 13.37 6.88
N LYS A 66 -19.44 14.29 7.69
CA LYS A 66 -20.89 14.62 7.70
C LYS A 66 -21.54 14.61 6.31
N SER A 67 -20.85 15.17 5.33
CA SER A 67 -21.42 15.30 4.01
C SER A 67 -21.48 13.97 3.25
N ARG A 68 -20.73 12.98 3.71
CA ARG A 68 -20.69 11.71 3.01
C ARG A 68 -21.47 10.61 3.73
N VAL A 69 -21.76 10.82 5.00
CA VAL A 69 -22.36 9.79 5.84
C VAL A 69 -23.89 9.84 5.85
N THR A 70 -24.48 8.66 5.92
CA THR A 70 -25.88 8.51 6.19
C THR A 70 -26.09 7.25 7.01
N ILE A 71 -26.79 7.37 8.14
CA ILE A 71 -27.14 6.22 8.96
C ILE A 71 -28.65 6.16 9.10
N THR A 72 -29.24 5.06 8.67
CA THR A 72 -30.69 4.92 8.71
C THR A 72 -31.07 3.61 9.36
N PRO A 73 -32.26 3.57 9.98
CA PRO A 73 -32.79 2.38 10.64
C PRO A 73 -33.65 1.54 9.72
N ASP A 74 -33.88 0.30 10.12
CA ASP A 74 -34.85 -0.56 9.44
C ASP A 74 -35.64 -1.31 10.53
N THR A 75 -36.57 -0.58 11.16
CA THR A 75 -37.30 -1.06 12.34
C THR A 75 -38.06 -2.35 12.05
N SER A 76 -38.45 -2.50 10.79
CA SER A 76 -39.18 -3.68 10.34
C SER A 76 -38.21 -4.78 9.91
N LYS A 77 -36.96 -4.72 10.36
CA LYS A 77 -36.00 -5.74 9.97
C LYS A 77 -34.91 -5.91 11.03
N ASN A 78 -34.95 -5.07 12.07
CA ASN A 78 -33.94 -5.06 13.14
C ASN A 78 -32.54 -4.89 12.55
N HIS A 79 -32.43 -3.91 11.65
CA HIS A 79 -31.17 -3.50 11.07
C HIS A 79 -31.01 -2.04 11.32
N PHE A 80 -29.79 -1.57 11.24
CA PHE A 80 -29.56 -0.20 10.82
C PHE A 80 -28.36 -0.20 9.87
N SER A 81 -28.21 0.84 9.07
CA SER A 81 -27.25 0.78 7.97
C SER A 81 -26.31 1.94 7.94
N LEU A 82 -25.08 1.70 7.50
CA LEU A 82 -24.17 2.80 7.23
C LEU A 82 -24.04 2.93 5.72
N ARG A 83 -23.95 4.16 5.26
CA ARG A 83 -23.80 4.47 3.85
C ARG A 83 -22.80 5.58 3.75
N LEU A 84 -21.60 5.29 3.25
CA LEU A 84 -20.53 6.27 3.15
C LEU A 84 -20.18 6.43 1.69
N SER A 85 -20.42 7.61 1.16
CA SER A 85 -20.26 7.83 -0.28
C SER A 85 -18.91 8.40 -0.62
N SER A 86 -18.58 8.40 -1.90
CA SER A 86 -17.31 8.96 -2.37
C SER A 86 -16.12 8.46 -1.58
N VAL A 87 -15.98 7.14 -1.43
CA VAL A 87 -14.91 6.61 -0.58
C VAL A 87 -13.57 6.72 -1.27
N THR A 88 -12.53 6.75 -0.44
CA THR A 88 -11.14 6.73 -0.89
C THR A 88 -10.36 5.74 -0.03
N ALA A 89 -9.07 5.61 -0.31
CA ALA A 89 -8.23 4.68 0.45
C ALA A 89 -8.21 5.03 1.92
N ALA A 90 -8.55 6.29 2.22
CA ALA A 90 -8.62 6.71 3.59
C ALA A 90 -9.74 5.99 4.33
N ASP A 91 -10.66 5.38 3.59
CA ASP A 91 -11.81 4.76 4.24
C ASP A 91 -11.60 3.27 4.51
N THR A 92 -10.45 2.75 4.09
CA THR A 92 -10.02 1.40 4.44
C THR A 92 -9.95 1.25 5.95
N ALA A 93 -10.69 0.28 6.49
CA ALA A 93 -10.74 0.08 7.94
C ALA A 93 -11.50 -1.16 8.37
N VAL A 94 -11.35 -1.52 9.64
CA VAL A 94 -12.30 -2.41 10.28
C VAL A 94 -13.44 -1.56 10.85
N TYR A 95 -14.66 -1.81 10.42
CA TYR A 95 -15.82 -1.03 10.87
C TYR A 95 -16.56 -1.80 11.96
N TYR A 96 -16.96 -1.09 13.01
CA TYR A 96 -17.74 -1.68 14.09
C TYR A 96 -19.08 -0.98 14.23
N CYS A 97 -20.13 -1.71 14.58
CA CYS A 97 -21.37 -1.06 15.01
C CYS A 97 -21.50 -1.14 16.54
N ALA A 98 -22.35 -0.28 17.12
CA ALA A 98 -22.46 -0.26 18.58
C ALA A 98 -23.80 0.26 19.06
N ARG A 99 -24.17 -0.14 20.27
CA ARG A 99 -25.34 0.43 20.93
C ARG A 99 -24.82 1.30 22.06
N ALA A 100 -25.31 2.53 22.12
CA ALA A 100 -24.71 3.55 22.97
C ALA A 100 -25.72 4.22 23.91
N LEU A 101 -25.23 4.73 25.03
CA LEU A 101 -26.03 5.56 25.90
C LEU A 101 -26.24 6.96 25.30
N LEU A 102 -27.23 7.68 25.81
CA LEU A 102 -27.58 8.98 25.26
C LEU A 102 -26.75 10.11 25.88
N THR A 103 -25.57 9.78 26.37
CA THR A 103 -24.63 10.73 26.96
C THR A 103 -23.89 11.56 25.89
N THR A 104 -23.53 12.82 26.17
CA THR A 104 -23.05 13.65 25.05
C THR A 104 -21.65 13.21 24.65
N VAL A 105 -20.87 12.72 25.62
CA VAL A 105 -19.71 11.88 25.32
C VAL A 105 -20.23 10.48 25.24
N THR A 106 -20.45 9.97 24.02
CA THR A 106 -21.38 8.85 23.91
C THR A 106 -20.73 7.56 24.41
N THR A 107 -21.55 6.75 25.08
CA THR A 107 -21.03 5.58 25.77
C THR A 107 -21.24 4.33 24.98
N PHE A 108 -20.21 3.90 24.27
CA PHE A 108 -20.34 2.72 23.44
C PHE A 108 -20.27 1.46 24.30
N GLU A 109 -21.44 1.06 24.78
CA GLU A 109 -21.62 -0.04 25.72
C GLU A 109 -21.38 -1.41 25.07
N TYR A 110 -22.07 -1.65 23.95
CA TYR A 110 -22.03 -2.93 23.28
C TYR A 110 -21.53 -2.77 21.87
N TRP A 111 -20.52 -3.55 21.48
CA TRP A 111 -19.93 -3.45 20.14
C TRP A 111 -20.14 -4.70 19.29
N GLY A 112 -20.20 -4.53 17.98
CA GLY A 112 -20.24 -5.64 17.05
C GLY A 112 -18.88 -6.34 16.98
N GLN A 113 -18.69 -7.19 15.97
CA GLN A 113 -17.49 -8.02 15.93
C GLN A 113 -16.41 -7.41 15.05
N GLY A 114 -16.83 -6.52 14.14
CA GLY A 114 -15.90 -5.92 13.18
C GLY A 114 -16.03 -6.56 11.81
N THR A 115 -15.86 -5.74 10.77
CA THR A 115 -15.86 -6.27 9.42
C THR A 115 -14.86 -5.46 8.61
N LEU A 116 -13.92 -6.13 7.95
CA LEU A 116 -12.92 -5.41 7.16
C LEU A 116 -13.51 -4.89 5.85
N VAL A 117 -13.16 -3.65 5.51
CA VAL A 117 -13.53 -3.06 4.23
C VAL A 117 -12.30 -2.40 3.60
N THR A 118 -11.89 -2.87 2.43
CA THR A 118 -10.74 -2.29 1.76
C THR A 118 -11.22 -1.45 0.60
N VAL A 119 -10.91 -0.16 0.60
CA VAL A 119 -11.21 0.65 -0.57
C VAL A 119 -9.99 0.66 -1.47
N SER A 120 -10.07 0.10 -2.67
CA SER A 120 -8.82 -0.04 -3.44
C SER A 120 -8.76 0.31 -4.94
N SER A 121 -9.73 -0.10 -5.74
CA SER A 121 -9.60 -0.03 -7.21
C SER A 121 -8.52 -0.92 -7.78
N ALA A 122 -7.94 -1.78 -6.97
CA ALA A 122 -7.21 -2.88 -7.55
C ALA A 122 -8.22 -4.01 -7.70
N SER A 123 -8.19 -4.73 -8.80
CA SER A 123 -9.20 -5.78 -8.97
C SER A 123 -8.90 -6.92 -8.01
N THR A 124 -9.96 -7.50 -7.47
CA THR A 124 -9.82 -8.62 -6.56
C THR A 124 -9.19 -9.79 -7.27
N LYS A 125 -8.43 -10.57 -6.52
CA LYS A 125 -7.83 -11.78 -7.03
C LYS A 125 -8.05 -12.92 -6.03
N GLY A 126 -8.65 -14.01 -6.52
CA GLY A 126 -8.94 -15.17 -5.69
C GLY A 126 -7.73 -16.07 -5.50
N PRO A 127 -7.72 -16.82 -4.40
CA PRO A 127 -6.55 -17.64 -4.07
C PRO A 127 -6.45 -18.93 -4.88
N SER A 128 -5.21 -19.33 -5.11
CA SER A 128 -4.90 -20.67 -5.56
C SER A 128 -4.70 -21.48 -4.30
N VAL A 129 -5.29 -22.66 -4.23
CA VAL A 129 -5.14 -23.47 -3.01
C VAL A 129 -4.32 -24.72 -3.29
N PHE A 130 -3.25 -24.92 -2.53
CA PHE A 130 -2.39 -26.09 -2.71
C PHE A 130 -2.18 -26.82 -1.40
N PRO A 131 -2.29 -28.14 -1.42
CA PRO A 131 -2.06 -28.92 -0.18
C PRO A 131 -0.60 -28.91 0.29
N LEU A 132 -0.43 -28.76 1.60
CA LEU A 132 0.89 -28.94 2.21
C LEU A 132 0.92 -30.35 2.77
N ALA A 133 1.57 -31.27 2.05
CA ALA A 133 1.52 -32.69 2.43
C ALA A 133 2.40 -33.06 3.63
N PRO A 134 1.83 -33.88 4.54
CA PRO A 134 2.50 -34.38 5.76
C PRO A 134 3.68 -35.29 5.50
N THR A 143 2.33 -37.95 16.04
CA THR A 143 1.32 -37.22 15.26
C THR A 143 1.91 -36.38 14.11
N ALA A 144 1.15 -36.27 13.02
CA ALA A 144 1.58 -35.58 11.82
C ALA A 144 0.86 -34.24 11.62
N ALA A 145 1.43 -33.37 10.79
CA ALA A 145 0.83 -32.07 10.49
C ALA A 145 0.64 -31.93 8.98
N LEU A 146 -0.53 -31.46 8.58
CA LEU A 146 -0.84 -31.31 7.19
C LEU A 146 -1.56 -29.99 7.05
N GLY A 147 -1.60 -29.43 5.86
CA GLY A 147 -2.31 -28.18 5.72
C GLY A 147 -2.58 -27.70 4.31
N CYS A 148 -2.98 -26.44 4.21
CA CYS A 148 -3.33 -25.80 2.96
C CYS A 148 -2.54 -24.54 2.77
N LEU A 149 -2.05 -24.35 1.55
CA LEU A 149 -1.47 -23.09 1.16
C LEU A 149 -2.54 -22.29 0.44
N VAL A 150 -2.90 -21.13 0.95
CA VAL A 150 -3.89 -20.28 0.30
C VAL A 150 -3.13 -19.11 -0.35
N LYS A 151 -2.88 -19.24 -1.64
CA LYS A 151 -1.83 -18.44 -2.30
C LYS A 151 -2.34 -17.26 -3.16
N ASP A 152 -1.64 -16.12 -3.09
CA ASP A 152 -1.83 -14.97 -3.99
C ASP A 152 -3.26 -14.43 -4.07
N TYR A 153 -3.77 -13.87 -2.97
CA TYR A 153 -5.10 -13.28 -3.03
C TYR A 153 -5.15 -11.84 -2.54
N PHE A 154 -6.25 -11.16 -2.84
CA PHE A 154 -6.48 -9.78 -2.43
C PHE A 154 -7.95 -9.44 -2.62
N PRO A 155 -8.56 -8.80 -1.62
CA PRO A 155 -7.97 -8.40 -0.35
C PRO A 155 -8.23 -9.41 0.74
N GLU A 156 -7.85 -9.05 1.95
CA GLU A 156 -8.24 -9.78 3.14
C GLU A 156 -9.77 -9.70 3.30
N PRO A 157 -10.39 -10.65 4.01
CA PRO A 157 -9.81 -11.85 4.61
C PRO A 157 -10.16 -13.11 3.81
N VAL A 158 -9.68 -14.22 4.34
CA VAL A 158 -9.93 -15.54 3.80
C VAL A 158 -10.32 -16.48 4.94
N THR A 159 -11.43 -17.18 4.82
CA THR A 159 -11.72 -18.17 5.85
C THR A 159 -11.30 -19.56 5.36
N VAL A 160 -10.66 -20.33 6.24
CA VAL A 160 -10.33 -21.72 5.96
C VAL A 160 -10.99 -22.58 7.03
N SER A 161 -11.66 -23.65 6.62
CA SER A 161 -12.14 -24.63 7.59
C SER A 161 -11.75 -26.01 7.11
N TRP A 162 -11.87 -27.01 7.99
CA TRP A 162 -11.49 -28.38 7.66
C TRP A 162 -12.65 -29.34 7.78
N ASN A 163 -12.81 -30.22 6.78
CA ASN A 163 -13.95 -31.12 6.72
C ASN A 163 -15.27 -30.38 7.03
N SER A 164 -15.47 -29.26 6.35
CA SER A 164 -16.68 -28.46 6.50
C SER A 164 -16.96 -28.01 7.94
N GLY A 165 -15.93 -27.89 8.76
CA GLY A 165 -16.12 -27.45 10.13
C GLY A 165 -16.14 -28.60 11.12
N ALA A 166 -16.23 -29.80 10.59
CA ALA A 166 -16.22 -31.02 11.41
C ALA A 166 -14.89 -31.18 12.14
N LEU A 167 -13.85 -30.55 11.65
CA LEU A 167 -12.51 -30.62 12.25
C LEU A 167 -12.00 -29.24 12.71
N THR A 168 -11.95 -29.03 14.01
CA THR A 168 -11.50 -27.76 14.57
C THR A 168 -10.32 -27.90 15.53
N SER A 169 -10.29 -28.99 16.29
CA SER A 169 -9.19 -29.22 17.23
C SER A 169 -7.92 -29.49 16.46
N GLY A 170 -6.89 -28.70 16.77
CA GLY A 170 -5.60 -28.90 16.15
C GLY A 170 -5.45 -28.01 14.93
N VAL A 171 -6.43 -27.15 14.68
CA VAL A 171 -6.34 -26.27 13.53
C VAL A 171 -5.67 -24.95 13.91
N HIS A 172 -4.67 -24.55 13.13
CA HIS A 172 -4.02 -23.26 13.26
C HIS A 172 -3.97 -22.60 11.90
N THR A 173 -4.70 -21.50 11.74
CA THR A 173 -4.60 -20.75 10.50
C THR A 173 -3.69 -19.57 10.76
N PHE A 174 -2.54 -19.56 10.10
CA PHE A 174 -1.53 -18.54 10.35
C PHE A 174 -1.98 -17.21 9.79
N PRO A 175 -1.49 -16.09 10.35
CA PRO A 175 -1.74 -14.76 9.76
C PRO A 175 -1.20 -14.67 8.34
N ALA A 176 -1.86 -13.90 7.50
CA ALA A 176 -1.41 -13.80 6.11
C ALA A 176 -0.11 -13.04 6.00
N VAL A 177 0.68 -13.35 4.97
CA VAL A 177 1.79 -12.49 4.60
C VAL A 177 1.32 -11.52 3.52
N LEU A 178 1.87 -10.31 3.55
CA LEU A 178 1.63 -9.35 2.47
C LEU A 178 2.86 -9.33 1.58
N GLN A 179 2.77 -9.89 0.40
CA GLN A 179 3.93 -9.93 -0.48
C GLN A 179 4.27 -8.55 -1.04
N SER A 180 5.46 -8.44 -1.62
CA SER A 180 5.88 -7.21 -2.30
C SER A 180 4.95 -6.80 -3.44
N SER A 181 4.21 -7.77 -3.98
CA SER A 181 3.26 -7.52 -5.05
C SER A 181 1.91 -6.94 -4.57
N GLY A 182 1.66 -6.99 -3.27
CA GLY A 182 0.42 -6.48 -2.73
C GLY A 182 -0.63 -7.54 -2.65
N LEU A 183 -0.24 -8.77 -2.99
CA LEU A 183 -1.09 -9.94 -2.80
C LEU A 183 -0.79 -10.63 -1.46
N TYR A 184 -1.77 -11.33 -0.92
CA TYR A 184 -1.58 -12.08 0.32
C TYR A 184 -1.45 -13.60 0.10
N SER A 185 -0.82 -14.27 1.06
CA SER A 185 -0.77 -15.73 1.16
C SER A 185 -0.98 -16.10 2.63
N LEU A 186 -1.64 -17.22 2.92
CA LEU A 186 -1.63 -17.72 4.29
C LEU A 186 -1.59 -19.22 4.29
N SER A 187 -1.31 -19.79 5.46
CA SER A 187 -1.42 -21.22 5.57
C SER A 187 -2.38 -21.58 6.68
N SER A 188 -3.09 -22.68 6.52
CA SER A 188 -3.79 -23.23 7.66
C SER A 188 -3.24 -24.63 7.85
N VAL A 189 -2.80 -24.95 9.06
CA VAL A 189 -2.37 -26.31 9.33
C VAL A 189 -3.22 -26.94 10.41
N VAL A 190 -3.40 -28.23 10.27
CA VAL A 190 -4.07 -29.01 11.28
C VAL A 190 -3.19 -30.19 11.59
N THR A 191 -3.05 -30.51 12.88
CA THR A 191 -2.28 -31.67 13.32
C THR A 191 -3.19 -32.84 13.69
N VAL A 192 -2.91 -34.01 13.12
CA VAL A 192 -3.80 -35.16 13.23
C VAL A 192 -3.00 -36.36 13.69
N PRO A 193 -3.69 -37.44 14.11
CA PRO A 193 -3.01 -38.70 14.45
C PRO A 193 -2.32 -39.29 13.25
N SER A 194 -1.06 -39.73 13.41
CA SER A 194 -0.33 -40.38 12.31
C SER A 194 -1.11 -41.56 11.77
N SER A 195 -1.78 -42.27 12.66
CA SER A 195 -2.42 -43.55 12.36
C SER A 195 -3.59 -43.48 11.37
N SER A 196 -4.18 -42.29 11.26
CA SER A 196 -5.36 -42.07 10.44
C SER A 196 -5.04 -41.49 9.06
N LEU A 197 -3.83 -41.72 8.59
CA LEU A 197 -3.34 -40.96 7.44
C LEU A 197 -3.08 -41.63 6.08
N GLY A 198 -3.75 -42.73 5.68
CA GLY A 198 -4.67 -43.51 6.50
C GLY A 198 -6.04 -43.82 5.93
N THR A 199 -7.03 -43.67 6.81
CA THR A 199 -8.40 -44.02 6.52
C THR A 199 -9.27 -42.79 6.65
N GLN A 200 -8.69 -41.72 7.19
CA GLN A 200 -9.43 -40.48 7.39
C GLN A 200 -9.11 -39.45 6.30
N THR A 201 -10.16 -38.89 5.69
CA THR A 201 -9.97 -37.91 4.62
C THR A 201 -9.93 -36.50 5.18
N TYR A 202 -8.94 -35.73 4.72
CA TYR A 202 -8.81 -34.36 5.14
C TYR A 202 -8.98 -33.41 3.98
N ILE A 203 -10.10 -32.70 3.99
CA ILE A 203 -10.37 -31.70 2.96
C ILE A 203 -10.33 -30.31 3.58
N CYS A 204 -9.69 -29.36 2.92
CA CYS A 204 -9.75 -28.02 3.44
C CYS A 204 -10.60 -27.12 2.53
N ASN A 205 -11.40 -26.28 3.17
CA ASN A 205 -12.34 -25.46 2.44
C ASN A 205 -11.94 -23.99 2.50
N VAL A 206 -11.68 -23.40 1.34
CA VAL A 206 -11.23 -22.02 1.31
C VAL A 206 -12.32 -21.09 0.77
N ASN A 207 -12.51 -19.97 1.44
CA ASN A 207 -13.57 -19.05 1.11
C ASN A 207 -13.03 -17.64 1.04
N HIS A 208 -13.15 -17.00 -0.11
CA HIS A 208 -12.72 -15.62 -0.27
C HIS A 208 -13.88 -14.87 -0.87
N LYS A 209 -14.69 -14.22 -0.04
CA LYS A 209 -15.94 -13.62 -0.51
C LYS A 209 -15.80 -12.50 -1.56
N PRO A 210 -14.73 -11.67 -1.49
CA PRO A 210 -14.71 -10.61 -2.52
C PRO A 210 -14.50 -11.12 -3.94
N SER A 211 -13.97 -12.33 -4.11
CA SER A 211 -13.71 -12.85 -5.44
C SER A 211 -14.60 -14.05 -5.75
N ASN A 212 -15.57 -14.33 -4.88
CA ASN A 212 -16.46 -15.47 -5.04
C ASN A 212 -15.70 -16.75 -5.32
N THR A 213 -14.56 -16.88 -4.66
CA THR A 213 -13.76 -18.11 -4.66
C THR A 213 -14.27 -19.04 -3.58
N LYS A 214 -14.62 -20.25 -3.95
CA LYS A 214 -14.95 -21.28 -2.98
C LYS A 214 -14.29 -22.59 -3.39
N VAL A 215 -13.22 -22.98 -2.71
CA VAL A 215 -12.39 -24.09 -3.16
C VAL A 215 -12.24 -25.21 -2.12
N ASP A 216 -12.45 -26.47 -2.54
CA ASP A 216 -12.12 -27.65 -1.75
C ASP A 216 -10.77 -28.20 -2.17
N LYS A 217 -9.93 -28.58 -1.22
CA LYS A 217 -8.70 -29.29 -1.57
C LYS A 217 -8.52 -30.51 -0.69
N LYS A 218 -8.26 -31.62 -1.34
CA LYS A 218 -8.02 -32.90 -0.69
C LYS A 218 -6.53 -32.97 -0.29
N VAL A 219 -6.24 -33.34 0.96
CA VAL A 219 -4.84 -33.38 1.44
C VAL A 219 -4.43 -34.78 1.87
N GLU A 220 -3.42 -35.34 1.19
CA GLU A 220 -2.92 -36.72 1.37
C GLU A 220 -1.41 -36.70 1.50
N PRO A 221 -0.81 -37.79 2.00
CA PRO A 221 0.65 -37.81 1.97
C PRO A 221 1.20 -38.04 0.55
N LYS A 222 2.51 -37.88 0.37
CA LYS A 222 3.12 -37.95 -0.95
C LYS A 222 3.21 -39.38 -1.48
N SER A 223 3.14 -39.52 -2.81
CA SER A 223 2.87 -40.78 -3.50
C SER A 223 4.08 -41.35 -4.23
N ALA B 3 -7.88 15.74 18.35
CA ALA B 3 -7.21 14.52 18.75
C ALA B 3 -6.79 14.59 20.22
N LEU B 4 -6.79 13.42 20.83
CA LEU B 4 -6.21 13.15 22.12
C LEU B 4 -4.90 12.43 21.86
N THR B 5 -3.95 12.62 22.74
CA THR B 5 -2.63 12.03 22.58
C THR B 5 -2.26 11.13 23.75
N GLN B 6 -2.03 9.85 23.46
CA GLN B 6 -1.54 8.92 24.46
C GLN B 6 -0.21 8.30 24.00
N PRO B 7 0.55 7.71 24.93
CA PRO B 7 1.79 7.06 24.47
C PRO B 7 1.49 5.81 23.69
N PRO B 8 2.32 5.47 22.69
CA PRO B 8 2.07 4.22 21.96
C PRO B 8 2.19 3.00 22.89
N SER B 9 3.11 2.99 23.84
CA SER B 9 3.16 1.86 24.80
C SER B 9 3.60 2.21 26.23
N VAL B 10 3.05 1.44 27.18
CA VAL B 10 3.56 1.41 28.55
C VAL B 10 3.75 -0.06 28.92
N SER B 11 4.58 -0.30 29.93
CA SER B 11 4.91 -1.64 30.36
C SER B 11 5.02 -1.74 31.87
N GLY B 12 4.77 -2.93 32.39
CA GLY B 12 4.90 -3.13 33.82
C GLY B 12 5.05 -4.62 34.09
N ALA B 13 5.37 -4.97 35.33
CA ALA B 13 5.49 -6.36 35.73
C ALA B 13 4.22 -6.77 36.46
N PRO B 14 3.88 -8.07 36.43
CA PRO B 14 2.61 -8.51 37.03
C PRO B 14 2.50 -8.11 38.50
N GLY B 15 1.42 -7.43 38.85
CA GLY B 15 1.22 -7.04 40.23
C GLY B 15 1.44 -5.57 40.52
N GLN B 16 2.21 -4.90 39.67
CA GLN B 16 2.47 -3.49 39.93
C GLN B 16 1.46 -2.57 39.21
N ARG B 17 1.73 -1.26 39.24
CA ARG B 17 0.80 -0.26 38.72
C ARG B 17 1.35 0.37 37.44
N VAL B 18 0.51 0.53 36.42
CA VAL B 18 0.91 1.33 35.27
C VAL B 18 -0.13 2.42 34.98
N THR B 19 0.36 3.52 34.42
CA THR B 19 -0.49 4.66 34.13
C THR B 19 -0.46 4.98 32.64
N ILE B 20 -1.64 5.24 32.09
CA ILE B 20 -1.74 5.68 30.72
C ILE B 20 -2.31 7.08 30.72
N PRO B 21 -1.47 8.07 30.34
CA PRO B 21 -1.93 9.46 30.19
C PRO B 21 -2.65 9.67 28.87
N CYS B 22 -3.59 10.60 28.90
CA CYS B 22 -4.32 10.98 27.71
C CYS B 22 -4.47 12.48 27.74
N THR B 23 -3.74 13.21 26.90
CA THR B 23 -3.81 14.66 27.02
C THR B 23 -4.46 15.32 25.78
N GLY B 24 -5.34 16.29 26.03
CA GLY B 24 -6.01 17.01 24.97
C GLY B 24 -5.82 18.53 24.97
N GLY B 25 -6.87 19.26 24.62
CA GLY B 25 -6.78 20.70 24.56
C GLY B 25 -7.98 21.42 25.14
N SER B 26 -8.03 22.73 24.91
CA SER B 26 -9.08 23.59 25.45
C SER B 26 -10.49 23.30 24.92
N SER B 27 -10.60 22.54 23.83
CA SER B 27 -11.90 22.27 23.22
C SER B 27 -12.45 20.86 23.48
N ASN B 28 -11.71 20.04 24.23
CA ASN B 28 -12.24 18.77 24.68
C ASN B 28 -12.00 18.61 26.18
N ILE B 29 -10.99 17.83 26.58
CA ILE B 29 -10.79 17.55 28.00
C ILE B 29 -10.59 18.83 28.82
N GLY B 30 -9.84 19.78 28.29
CA GLY B 30 -9.63 21.04 28.99
C GLY B 30 -10.92 21.83 29.11
N ALA B 31 -11.84 21.60 28.18
CA ALA B 31 -13.12 22.28 28.18
C ALA B 31 -14.08 21.69 29.18
N GLY B 32 -13.70 20.57 29.80
CA GLY B 32 -14.49 19.93 30.85
C GLY B 32 -15.29 18.65 30.57
N TYR B 33 -15.23 18.11 29.36
CA TYR B 33 -15.94 16.87 29.03
C TYR B 33 -15.34 15.57 29.59
N SER B 34 -16.18 14.57 29.83
CA SER B 34 -15.73 13.28 30.36
C SER B 34 -14.70 12.60 29.47
N VAL B 35 -13.95 11.68 30.08
CA VAL B 35 -13.03 10.85 29.31
C VAL B 35 -13.36 9.39 29.57
N HIS B 36 -13.75 8.68 28.50
CA HIS B 36 -14.08 7.25 28.56
C HIS B 36 -12.86 6.45 28.16
N TRP B 37 -12.86 5.18 28.52
CA TRP B 37 -11.76 4.29 28.17
C TRP B 37 -12.25 2.96 27.60
N TYR B 38 -11.56 2.47 26.57
CA TYR B 38 -11.88 1.18 25.98
C TYR B 38 -10.66 0.28 25.90
N GLN B 39 -10.91 -1.01 26.07
CA GLN B 39 -9.87 -2.04 25.99
C GLN B 39 -10.07 -2.84 24.72
N GLN B 40 -9.00 -3.02 23.94
CA GLN B 40 -9.08 -3.89 22.78
C GLN B 40 -8.07 -5.01 22.90
N LEU B 41 -8.55 -6.22 23.18
CA LEU B 41 -7.68 -7.41 23.14
C LEU B 41 -7.30 -7.73 21.68
N PRO B 42 -6.06 -8.18 21.46
CA PRO B 42 -5.45 -8.43 20.15
C PRO B 42 -6.38 -8.82 18.97
N GLY B 43 -7.23 -9.83 19.10
CA GLY B 43 -7.94 -10.20 17.90
C GLY B 43 -9.35 -9.66 17.75
N THR B 44 -9.79 -8.89 18.76
CA THR B 44 -11.21 -8.66 19.01
C THR B 44 -11.66 -7.21 18.94
N ALA B 45 -12.97 -6.98 18.99
CA ALA B 45 -13.51 -5.61 18.99
C ALA B 45 -13.24 -4.98 20.34
N PRO B 46 -13.26 -3.65 20.40
CA PRO B 46 -13.09 -3.00 21.71
C PRO B 46 -14.24 -3.29 22.65
N LYS B 47 -14.01 -3.00 23.93
CA LYS B 47 -14.97 -3.20 25.00
C LYS B 47 -14.87 -2.00 25.95
N LEU B 48 -16.03 -1.51 26.39
CA LEU B 48 -16.11 -0.40 27.34
C LEU B 48 -15.51 -0.77 28.68
N LEU B 49 -14.59 0.07 29.17
CA LEU B 49 -13.81 -0.21 30.38
C LEU B 49 -14.17 0.77 31.48
N ILE B 50 -14.19 2.04 31.15
CA ILE B 50 -14.58 3.07 32.08
C ILE B 50 -15.33 4.15 31.33
N TYR B 51 -16.45 4.62 31.91
CA TYR B 51 -17.09 5.82 31.36
C TYR B 51 -17.47 6.82 32.45
N GLY B 52 -17.80 8.04 32.02
CA GLY B 52 -18.13 9.15 32.90
C GLY B 52 -16.94 9.57 33.74
N SER B 53 -17.16 9.62 35.05
CA SER B 53 -16.09 9.96 35.98
C SER B 53 -15.74 8.72 36.83
N ASN B 54 -14.92 7.84 36.26
CA ASN B 54 -14.49 6.62 36.95
C ASN B 54 -15.68 5.72 37.31
N SER B 55 -16.55 5.45 36.34
CA SER B 55 -17.69 4.57 36.56
C SER B 55 -17.61 3.32 35.69
N ARG B 56 -17.43 2.16 36.32
CA ARG B 56 -17.11 0.93 35.60
C ARG B 56 -18.36 0.09 35.30
N PRO B 57 -18.51 -0.34 34.04
CA PRO B 57 -19.61 -1.28 33.76
C PRO B 57 -19.37 -2.61 34.46
N SER B 58 -20.42 -3.41 34.59
CA SER B 58 -20.35 -4.71 35.25
C SER B 58 -19.38 -5.65 34.53
N GLY B 59 -18.40 -6.17 35.27
CA GLY B 59 -17.45 -7.09 34.67
C GLY B 59 -16.08 -6.45 34.58
N VAL B 60 -16.03 -5.15 34.83
CA VAL B 60 -14.76 -4.46 34.96
C VAL B 60 -14.40 -4.47 36.43
N PRO B 61 -13.22 -5.00 36.76
CA PRO B 61 -12.76 -5.12 38.15
C PRO B 61 -12.37 -3.76 38.79
N ASP B 62 -12.25 -3.74 40.12
CA ASP B 62 -11.82 -2.56 40.86
C ASP B 62 -10.48 -1.99 40.39
N ARG B 63 -9.58 -2.85 39.96
CA ARG B 63 -8.21 -2.47 39.61
C ARG B 63 -8.12 -1.48 38.46
N PHE B 64 -9.18 -1.32 37.68
CA PHE B 64 -9.18 -0.35 36.58
C PHE B 64 -9.79 0.96 37.04
N SER B 65 -9.05 2.04 36.85
CA SER B 65 -9.47 3.30 37.41
C SER B 65 -9.06 4.46 36.53
N GLY B 66 -9.97 5.40 36.36
CA GLY B 66 -9.69 6.56 35.54
C GLY B 66 -9.68 7.79 36.41
N SER B 67 -8.81 8.74 36.08
CA SER B 67 -8.86 10.08 36.66
C SER B 67 -8.65 11.11 35.56
N LYS B 68 -8.65 12.39 35.96
CA LYS B 68 -8.71 13.49 35.00
C LYS B 68 -8.34 14.77 35.71
N SER B 69 -7.45 15.57 35.15
CA SER B 69 -7.10 16.85 35.75
C SER B 69 -6.65 17.86 34.70
N GLY B 70 -7.44 18.90 34.50
CA GLY B 70 -7.10 19.91 33.51
C GLY B 70 -7.31 19.46 32.08
N THR B 71 -6.22 19.42 31.29
CA THR B 71 -6.36 19.00 29.89
C THR B 71 -5.92 17.56 29.71
N SER B 72 -5.61 16.89 30.79
CA SER B 72 -5.10 15.52 30.70
C SER B 72 -5.83 14.54 31.61
N ALA B 73 -5.98 13.31 31.13
CA ALA B 73 -6.68 12.27 31.86
C ALA B 73 -5.81 11.02 31.99
N SER B 74 -6.26 10.08 32.80
CA SER B 74 -5.39 8.98 33.17
C SER B 74 -6.14 7.68 33.45
N LEU B 75 -5.66 6.58 32.87
CA LEU B 75 -6.18 5.26 33.23
C LEU B 75 -5.14 4.56 34.06
N ALA B 76 -5.48 4.12 35.27
CA ALA B 76 -4.51 3.38 36.08
C ALA B 76 -4.83 1.89 36.13
N ILE B 77 -3.82 1.04 35.97
CA ILE B 77 -4.02 -0.39 36.18
C ILE B 77 -3.13 -0.90 37.32
N THR B 78 -3.74 -1.22 38.45
CA THR B 78 -3.01 -1.82 39.56
C THR B 78 -3.16 -3.35 39.53
N GLY B 79 -2.25 -4.06 40.19
CA GLY B 79 -2.28 -5.51 40.18
C GLY B 79 -2.28 -6.05 38.76
N LEU B 80 -1.39 -5.52 37.92
CA LEU B 80 -1.26 -5.96 36.53
C LEU B 80 -1.26 -7.47 36.42
N ARG B 81 -2.15 -8.02 35.59
CA ARG B 81 -2.18 -9.47 35.37
C ARG B 81 -1.82 -9.67 33.91
N PRO B 82 -1.20 -10.80 33.56
CA PRO B 82 -0.78 -10.99 32.17
C PRO B 82 -1.93 -10.86 31.17
N GLU B 83 -3.14 -11.23 31.59
CA GLU B 83 -4.29 -11.16 30.68
C GLU B 83 -4.77 -9.72 30.49
N ASP B 84 -4.02 -8.75 31.01
CA ASP B 84 -4.30 -7.32 30.76
C ASP B 84 -3.57 -6.80 29.52
N GLU B 85 -2.70 -7.61 28.92
CA GLU B 85 -1.98 -7.18 27.72
C GLU B 85 -2.97 -6.91 26.62
N ALA B 86 -3.20 -5.63 26.36
CA ALA B 86 -4.17 -5.20 25.38
C ALA B 86 -3.90 -3.76 24.97
N ASP B 87 -4.72 -3.29 24.03
CA ASP B 87 -4.66 -1.90 23.57
C ASP B 87 -5.74 -1.11 24.28
N TYR B 88 -5.36 0.05 24.81
CA TYR B 88 -6.31 0.89 25.52
C TYR B 88 -6.53 2.19 24.78
N TYR B 89 -7.79 2.56 24.57
CA TYR B 89 -8.11 3.81 23.88
C TYR B 89 -8.89 4.74 24.80
N CYS B 90 -8.51 6.01 24.84
CA CYS B 90 -9.26 7.01 25.61
C CYS B 90 -10.20 7.77 24.68
N GLN B 91 -11.34 8.20 25.18
CA GLN B 91 -12.32 8.90 24.35
C GLN B 91 -12.83 10.15 25.04
N SER B 92 -13.17 11.16 24.24
CA SER B 92 -13.83 12.34 24.76
C SER B 92 -14.61 13.07 23.66
N TYR B 93 -15.22 14.18 24.07
CA TYR B 93 -16.00 15.03 23.17
C TYR B 93 -15.22 16.28 22.84
N ASP B 94 -15.28 16.72 21.59
CA ASP B 94 -14.63 17.96 21.21
C ASP B 94 -15.67 18.89 20.61
N SER B 95 -15.73 20.12 21.09
CA SER B 95 -16.86 21.01 20.78
C SER B 95 -16.67 21.81 19.47
N SER B 96 -15.54 21.59 18.79
CA SER B 96 -15.34 22.20 17.47
C SER B 96 -16.40 21.72 16.48
N LEU B 97 -16.92 22.66 15.71
CA LEU B 97 -17.69 22.38 14.50
C LEU B 97 -18.88 21.46 14.71
N SER B 98 -19.83 21.87 15.55
CA SER B 98 -21.04 21.07 15.83
C SER B 98 -20.74 19.79 16.60
N GLY B 99 -19.48 19.61 16.99
CA GLY B 99 -19.15 18.54 17.92
C GLY B 99 -18.77 17.24 17.28
N SER B 100 -17.91 16.51 17.98
CA SER B 100 -17.37 15.23 17.53
C SER B 100 -16.95 14.35 18.68
N GLN B 101 -17.21 13.05 18.55
CA GLN B 101 -16.60 12.06 19.41
C GLN B 101 -15.14 11.94 18.97
N VAL B 102 -14.25 11.83 19.94
CA VAL B 102 -12.85 11.95 19.64
C VAL B 102 -12.05 10.86 20.41
N PHE B 103 -11.06 10.29 19.76
CA PHE B 103 -10.35 9.16 20.33
C PHE B 103 -8.84 9.36 20.32
N GLY B 104 -8.15 8.72 21.26
CA GLY B 104 -6.71 8.68 21.24
C GLY B 104 -6.25 7.66 20.20
N ALA B 105 -4.95 7.60 19.98
CA ALA B 105 -4.43 6.71 18.96
C ALA B 105 -4.18 5.34 19.55
N GLY B 106 -4.44 5.18 20.85
CA GLY B 106 -4.33 3.91 21.51
C GLY B 106 -2.97 3.66 22.12
N THR B 107 -2.97 3.03 23.29
CA THR B 107 -1.76 2.65 24.01
C THR B 107 -1.75 1.15 24.27
N ARG B 108 -0.64 0.50 23.90
CA ARG B 108 -0.46 -0.91 24.16
C ARG B 108 0.23 -1.19 25.47
N VAL B 109 -0.44 -1.93 26.35
CA VAL B 109 0.17 -2.31 27.61
C VAL B 109 0.90 -3.66 27.45
N THR B 110 2.19 -3.66 27.79
CA THR B 110 3.00 -4.87 27.74
C THR B 110 3.27 -5.36 29.14
N VAL B 111 3.06 -6.66 29.39
CA VAL B 111 3.40 -7.23 30.69
C VAL B 111 4.75 -7.99 30.66
N LEU B 112 5.61 -7.65 31.61
CA LEU B 112 7.05 -7.94 31.52
C LEU B 112 7.55 -9.21 32.18
N GLY B 113 6.80 -9.78 33.11
CA GLY B 113 7.32 -10.95 33.81
C GLY B 113 7.10 -12.27 33.09
N GLN B 114 7.57 -12.36 31.85
CA GLN B 114 7.11 -13.40 30.93
C GLN B 114 8.27 -14.24 30.39
N PRO B 115 8.14 -15.58 30.45
CA PRO B 115 9.22 -16.52 30.13
C PRO B 115 9.43 -16.79 28.63
N LYS B 116 10.68 -16.87 28.21
CA LYS B 116 11.01 -17.21 26.83
C LYS B 116 10.39 -18.55 26.48
N ALA B 117 9.73 -18.57 25.33
CA ALA B 117 9.23 -19.80 24.70
C ALA B 117 9.93 -19.95 23.36
N ASN B 118 10.31 -21.17 23.01
CA ASN B 118 11.07 -21.39 21.77
C ASN B 118 10.14 -21.75 20.60
N PRO B 119 10.52 -21.31 19.38
CA PRO B 119 9.73 -21.51 18.15
C PRO B 119 9.47 -22.97 17.85
N THR B 120 8.23 -23.34 17.54
CA THR B 120 8.00 -24.63 16.91
C THR B 120 8.00 -24.38 15.41
N VAL B 121 8.81 -25.13 14.68
CA VAL B 121 8.97 -24.86 13.26
C VAL B 121 8.54 -26.02 12.38
N THR B 122 7.58 -25.73 11.49
CA THR B 122 7.09 -26.70 10.54
C THR B 122 7.37 -26.26 9.11
N LEU B 123 8.07 -27.10 8.35
CA LEU B 123 8.47 -26.80 6.98
C LEU B 123 7.85 -27.75 5.96
N PHE B 124 7.33 -27.20 4.88
CA PHE B 124 6.67 -28.00 3.86
C PHE B 124 7.32 -27.84 2.50
N PRO B 125 7.45 -28.93 1.76
CA PRO B 125 7.98 -28.88 0.40
C PRO B 125 6.87 -28.47 -0.55
N PRO B 126 7.19 -28.19 -1.83
CA PRO B 126 6.07 -27.83 -2.71
C PRO B 126 5.18 -29.03 -3.00
N SER B 127 3.91 -28.78 -3.24
CA SER B 127 2.99 -29.83 -3.65
C SER B 127 3.20 -30.22 -5.12
N SER B 128 2.83 -31.45 -5.46
CA SER B 128 2.91 -31.91 -6.83
C SER B 128 2.05 -31.07 -7.78
N GLU B 129 0.88 -30.67 -7.30
CA GLU B 129 -0.02 -29.83 -8.10
C GLU B 129 0.65 -28.50 -8.51
N GLU B 130 1.35 -27.87 -7.58
CA GLU B 130 2.02 -26.61 -7.90
C GLU B 130 3.18 -26.84 -8.87
N LEU B 131 3.95 -27.90 -8.64
CA LEU B 131 5.01 -28.28 -9.55
C LEU B 131 4.51 -28.51 -10.97
N GLN B 132 3.36 -29.14 -11.15
CA GLN B 132 2.94 -29.35 -12.53
C GLN B 132 2.30 -28.09 -13.11
N ALA B 133 2.20 -27.05 -12.30
CA ALA B 133 1.80 -25.73 -12.77
C ALA B 133 3.04 -24.87 -12.98
N ASN B 134 4.19 -25.52 -12.99
CA ASN B 134 5.49 -24.87 -13.20
C ASN B 134 5.76 -23.76 -12.19
N LYS B 135 5.31 -23.96 -10.95
CA LYS B 135 5.65 -23.09 -9.81
C LYS B 135 6.17 -23.90 -8.62
N ALA B 136 6.75 -23.25 -7.62
CA ALA B 136 7.15 -23.99 -6.43
C ALA B 136 7.28 -23.06 -5.24
N THR B 137 6.81 -23.54 -4.09
CA THR B 137 6.84 -22.74 -2.88
C THR B 137 7.12 -23.59 -1.64
N LEU B 138 8.18 -23.27 -0.93
CA LEU B 138 8.42 -23.89 0.37
C LEU B 138 7.76 -23.06 1.46
N VAL B 139 7.08 -23.73 2.38
CA VAL B 139 6.40 -22.99 3.44
C VAL B 139 6.99 -23.32 4.81
N CYS B 140 7.49 -22.27 5.45
CA CYS B 140 8.09 -22.38 6.77
C CYS B 140 7.21 -21.73 7.82
N LEU B 141 6.72 -22.51 8.78
CA LEU B 141 5.76 -22.00 9.75
C LEU B 141 6.31 -21.99 11.16
N ILE B 142 6.29 -20.83 11.81
CA ILE B 142 6.86 -20.66 13.14
C ILE B 142 5.81 -20.33 14.19
N SER B 143 5.72 -21.14 15.24
CA SER B 143 4.62 -20.94 16.19
C SER B 143 5.00 -20.98 17.68
N ASP B 144 4.22 -20.24 18.48
CA ASP B 144 4.31 -20.29 19.94
C ASP B 144 5.72 -20.04 20.49
N PHE B 145 6.26 -18.87 20.15
CA PHE B 145 7.54 -18.40 20.68
C PHE B 145 7.38 -17.05 21.38
N TYR B 146 8.27 -16.77 22.32
CA TYR B 146 8.27 -15.51 23.03
C TYR B 146 9.70 -15.21 23.41
N PRO B 147 10.14 -13.94 23.26
CA PRO B 147 9.39 -12.80 22.71
C PRO B 147 9.29 -12.88 21.21
N GLY B 148 8.56 -11.95 20.60
CA GLY B 148 8.23 -11.99 19.19
C GLY B 148 9.25 -11.34 18.28
N ALA B 149 10.43 -11.93 18.22
CA ALA B 149 11.46 -11.45 17.31
C ALA B 149 12.24 -12.63 16.75
N VAL B 150 12.17 -12.82 15.44
CA VAL B 150 12.93 -13.89 14.78
C VAL B 150 13.57 -13.38 13.49
N THR B 151 14.63 -14.07 13.05
CA THR B 151 15.14 -13.89 11.69
C THR B 151 15.01 -15.22 11.00
N VAL B 152 14.63 -15.19 9.73
CA VAL B 152 14.53 -16.42 8.95
C VAL B 152 15.57 -16.37 7.82
N ALA B 153 16.33 -17.45 7.67
CA ALA B 153 17.30 -17.54 6.59
C ALA B 153 17.02 -18.79 5.78
N TRP B 154 16.80 -18.66 4.48
CA TRP B 154 16.62 -19.84 3.64
C TRP B 154 17.96 -20.32 3.08
N LYS B 155 18.16 -21.63 3.05
CA LYS B 155 19.39 -22.19 2.52
C LYS B 155 19.09 -23.21 1.45
N ALA B 156 19.91 -23.20 0.40
CA ALA B 156 19.85 -24.17 -0.68
C ALA B 156 21.18 -24.87 -0.73
N ASP B 157 21.21 -26.16 -0.38
CA ASP B 157 22.48 -26.88 -0.22
C ASP B 157 23.43 -26.09 0.68
N GLY B 158 22.91 -25.54 1.78
CA GLY B 158 23.74 -24.87 2.75
C GLY B 158 24.22 -23.48 2.34
N SER B 159 23.97 -23.08 1.10
CA SER B 159 24.35 -21.73 0.71
C SER B 159 23.11 -20.82 0.72
N PRO B 160 23.24 -19.58 1.23
CA PRO B 160 22.07 -18.70 1.42
C PRO B 160 21.36 -18.38 0.11
N VAL B 161 20.03 -18.31 0.16
CA VAL B 161 19.23 -17.86 -0.98
C VAL B 161 18.57 -16.57 -0.57
N LYS B 162 18.79 -15.56 -1.40
CA LYS B 162 18.53 -14.19 -1.01
C LYS B 162 17.44 -13.52 -1.85
N ALA B 163 16.56 -14.31 -2.45
CA ALA B 163 15.42 -13.73 -3.17
C ALA B 163 14.27 -14.70 -3.25
N GLY B 164 13.07 -14.19 -3.49
CA GLY B 164 11.90 -15.03 -3.51
C GLY B 164 11.39 -15.35 -2.11
N VAL B 165 11.96 -14.68 -1.12
CA VAL B 165 11.57 -14.85 0.26
C VAL B 165 10.52 -13.85 0.62
N GLU B 166 9.53 -14.29 1.36
CA GLU B 166 8.46 -13.44 1.82
C GLU B 166 8.17 -13.81 3.24
N THR B 167 8.44 -12.93 4.19
CA THR B 167 8.33 -13.24 5.61
C THR B 167 7.37 -12.29 6.33
N THR B 168 6.57 -12.86 7.22
CA THR B 168 5.65 -12.09 8.05
C THR B 168 6.41 -11.44 9.19
N THR B 169 5.85 -10.40 9.79
CA THR B 169 6.36 -9.96 11.07
C THR B 169 5.50 -10.68 12.07
N PRO B 170 6.07 -11.05 13.22
CA PRO B 170 5.38 -11.91 14.19
C PRO B 170 4.10 -11.27 14.69
N SER B 171 3.06 -12.07 14.93
CA SER B 171 1.84 -11.51 15.48
C SER B 171 1.45 -12.16 16.79
N LYS B 172 0.98 -11.34 17.72
CA LYS B 172 0.60 -11.82 19.05
C LYS B 172 -0.65 -12.64 18.93
N GLN B 173 -0.66 -13.80 19.56
CA GLN B 173 -1.82 -14.68 19.55
C GLN B 173 -2.74 -14.48 20.79
N SER B 174 -3.69 -15.40 20.94
CA SER B 174 -4.63 -15.35 22.05
C SER B 174 -4.00 -15.79 23.39
N ASN B 175 -2.86 -16.48 23.30
CA ASN B 175 -2.23 -17.06 24.50
C ASN B 175 -0.98 -16.28 24.87
N ASN B 176 -0.90 -15.07 24.31
CA ASN B 176 0.20 -14.14 24.55
C ASN B 176 1.53 -14.65 23.99
N LYS B 177 1.52 -15.69 23.14
CA LYS B 177 2.72 -16.06 22.38
C LYS B 177 2.58 -15.63 20.90
N TYR B 178 3.64 -15.80 20.10
CA TYR B 178 3.61 -15.30 18.72
C TYR B 178 3.59 -16.39 17.66
N ALA B 179 3.11 -16.02 16.48
CA ALA B 179 3.18 -16.89 15.30
C ALA B 179 3.82 -16.09 14.16
N ALA B 180 4.47 -16.80 13.25
CA ALA B 180 5.07 -16.19 12.07
C ALA B 180 5.31 -17.25 11.00
N SER B 181 5.49 -16.79 9.77
CA SER B 181 5.69 -17.71 8.67
C SER B 181 6.51 -17.08 7.54
N SER B 182 7.25 -17.92 6.83
CA SER B 182 8.06 -17.44 5.73
C SER B 182 7.80 -18.32 4.50
N TYR B 183 7.82 -17.70 3.33
CA TYR B 183 7.52 -18.37 2.06
C TYR B 183 8.66 -18.18 1.10
N LEU B 184 9.19 -19.27 0.56
CA LEU B 184 10.24 -19.17 -0.45
C LEU B 184 9.71 -19.56 -1.84
N SER B 185 9.79 -18.66 -2.82
CA SER B 185 9.38 -19.00 -4.18
C SER B 185 10.54 -19.61 -4.96
N LEU B 186 10.30 -20.72 -5.63
CA LEU B 186 11.33 -21.40 -6.40
C LEU B 186 10.78 -21.65 -7.79
N THR B 187 11.65 -22.04 -8.73
CA THR B 187 11.17 -22.65 -9.96
C THR B 187 11.23 -24.14 -9.76
N PRO B 188 10.37 -24.87 -10.48
CA PRO B 188 10.46 -26.32 -10.36
C PRO B 188 11.82 -26.93 -10.67
N GLU B 189 12.60 -26.46 -11.65
CA GLU B 189 13.88 -27.15 -11.82
C GLU B 189 14.87 -26.79 -10.72
N GLN B 190 14.76 -25.61 -10.13
CA GLN B 190 15.60 -25.30 -8.97
C GLN B 190 15.28 -26.24 -7.83
N TRP B 191 14.00 -26.52 -7.63
CA TRP B 191 13.56 -27.37 -6.54
C TRP B 191 14.07 -28.80 -6.76
N LYS B 192 14.01 -29.27 -7.99
CA LYS B 192 14.45 -30.63 -8.28
C LYS B 192 15.97 -30.75 -8.40
N SER B 193 16.66 -29.64 -8.63
CA SER B 193 18.10 -29.69 -8.82
C SER B 193 18.93 -29.86 -7.57
N HIS B 194 18.63 -29.13 -6.50
CA HIS B 194 19.48 -29.19 -5.29
C HIS B 194 19.17 -30.44 -4.47
N ARG B 195 20.08 -30.81 -3.56
CA ARG B 195 19.86 -31.98 -2.71
C ARG B 195 18.76 -31.75 -1.69
N SER B 196 18.68 -30.52 -1.18
CA SER B 196 17.65 -30.16 -0.22
C SER B 196 17.64 -28.68 0.02
N TYR B 197 16.54 -28.20 0.60
CA TYR B 197 16.43 -26.81 1.08
C TYR B 197 16.19 -26.79 2.60
N SER B 198 16.72 -25.76 3.27
CA SER B 198 16.60 -25.62 4.72
C SER B 198 16.01 -24.28 5.08
N CYS B 199 15.14 -24.31 6.07
CA CYS B 199 14.59 -23.12 6.69
C CYS B 199 15.30 -22.90 8.00
N GLN B 200 16.04 -21.80 8.14
CA GLN B 200 16.73 -21.55 9.40
C GLN B 200 16.07 -20.41 10.17
N VAL B 201 15.57 -20.73 11.36
CA VAL B 201 14.92 -19.74 12.20
C VAL B 201 15.76 -19.45 13.43
N THR B 202 16.09 -18.17 13.62
CA THR B 202 16.92 -17.74 14.76
C THR B 202 16.11 -16.94 15.75
N HIS B 203 16.08 -17.40 17.00
CA HIS B 203 15.29 -16.75 18.03
C HIS B 203 15.97 -16.76 19.39
N GLU B 204 16.21 -15.57 19.94
CA GLU B 204 16.91 -15.43 21.22
C GLU B 204 18.17 -16.27 21.29
N GLY B 205 19.08 -16.08 20.33
CA GLY B 205 20.37 -16.73 20.42
C GLY B 205 20.43 -18.22 20.08
N SER B 206 19.31 -18.81 19.68
CA SER B 206 19.32 -20.20 19.23
C SER B 206 18.86 -20.32 17.78
N THR B 207 19.58 -21.10 16.98
CA THR B 207 19.15 -21.29 15.61
C THR B 207 18.58 -22.70 15.52
N VAL B 208 17.39 -22.79 14.92
CA VAL B 208 16.70 -24.03 14.63
C VAL B 208 16.60 -24.26 13.11
N GLU B 209 16.97 -25.44 12.63
CA GLU B 209 16.92 -25.72 11.20
C GLU B 209 15.95 -26.86 10.87
N LYS B 210 15.06 -26.64 9.90
CA LYS B 210 14.32 -27.75 9.27
C LYS B 210 14.73 -27.92 7.78
N THR B 211 14.63 -29.13 7.24
CA THR B 211 15.05 -29.41 5.86
C THR B 211 14.00 -30.25 5.10
N VAL B 212 13.82 -29.96 3.81
CA VAL B 212 12.98 -30.79 2.94
C VAL B 212 13.74 -31.09 1.66
N ALA B 213 13.27 -32.08 0.91
CA ALA B 213 13.92 -32.53 -0.32
C ALA B 213 12.87 -33.03 -1.34
N PRO B 214 13.24 -33.07 -2.64
CA PRO B 214 12.34 -33.77 -3.56
C PRO B 214 12.52 -35.28 -3.42
N LYS C 7 -24.23 29.70 16.54
CA LYS C 7 -25.58 29.28 16.16
C LYS C 7 -26.53 29.02 17.35
N PRO C 8 -27.76 29.54 17.27
CA PRO C 8 -28.72 29.44 18.36
C PRO C 8 -29.26 28.03 18.54
N LEU C 9 -29.81 27.77 19.72
CA LEU C 9 -30.57 26.56 19.94
C LEU C 9 -32.03 26.88 19.68
N ILE C 10 -32.54 26.36 18.56
CA ILE C 10 -33.92 26.60 18.22
C ILE C 10 -34.82 25.43 18.67
N LEU C 11 -35.32 25.52 19.90
CA LEU C 11 -36.34 24.62 20.41
C LEU C 11 -37.51 24.84 19.48
N ARG C 12 -38.24 23.80 19.13
CA ARG C 12 -39.21 24.01 18.05
C ARG C 12 -40.58 24.21 18.65
N ASP C 13 -41.19 23.11 19.04
CA ASP C 13 -42.46 23.13 19.71
C ASP C 13 -42.19 22.52 21.07
N CYS C 14 -40.90 22.44 21.39
CA CYS C 14 -40.46 21.92 22.67
C CYS C 14 -40.12 23.07 23.60
N SER C 15 -40.35 22.85 24.90
CA SER C 15 -40.06 23.85 25.93
C SER C 15 -38.76 23.51 26.65
N VAL C 16 -38.31 24.39 27.52
CA VAL C 16 -37.12 24.11 28.31
C VAL C 16 -37.34 22.84 29.15
N ALA C 17 -38.51 22.73 29.77
CA ALA C 17 -38.83 21.56 30.56
C ALA C 17 -38.80 20.32 29.69
N GLY C 18 -39.45 20.41 28.53
CA GLY C 18 -39.52 19.30 27.59
C GLY C 18 -38.14 18.86 27.16
N TRP C 19 -37.31 19.83 26.85
CA TRP C 19 -35.95 19.52 26.46
C TRP C 19 -35.21 18.89 27.64
N LEU C 20 -35.14 19.59 28.76
CA LEU C 20 -34.30 19.16 29.86
C LEU C 20 -34.74 17.83 30.49
N LEU C 21 -36.04 17.59 30.52
CA LEU C 21 -36.57 16.33 31.02
C LEU C 21 -36.49 15.24 29.97
N GLY C 22 -36.54 15.62 28.70
CA GLY C 22 -36.41 14.65 27.63
C GLY C 22 -37.70 14.00 27.17
N ASN C 23 -38.72 14.82 26.95
CA ASN C 23 -39.96 14.38 26.34
C ASN C 23 -39.61 13.70 25.01
N PRO C 24 -40.11 12.47 24.79
CA PRO C 24 -39.88 11.76 23.52
C PRO C 24 -40.29 12.55 22.27
N MET C 25 -41.06 13.61 22.47
CA MET C 25 -41.41 14.52 21.40
C MET C 25 -40.25 15.45 21.10
N CYS C 26 -39.29 15.50 22.01
CA CYS C 26 -38.17 16.40 21.85
C CYS C 26 -36.89 15.65 21.48
N ASP C 27 -37.04 14.56 20.73
CA ASP C 27 -35.88 13.72 20.46
C ASP C 27 -34.83 14.45 19.63
N GLU C 28 -35.21 15.57 19.03
CA GLU C 28 -34.26 16.41 18.31
C GLU C 28 -33.19 16.94 19.23
N PHE C 29 -33.52 17.01 20.52
CA PHE C 29 -32.64 17.64 21.47
C PHE C 29 -32.10 16.63 22.48
N ILE C 30 -32.07 15.36 22.12
CA ILE C 30 -31.42 14.35 22.97
C ILE C 30 -29.95 14.73 23.18
N ASN C 31 -29.30 15.19 22.11
CA ASN C 31 -27.98 15.79 22.28
C ASN C 31 -27.86 17.06 21.47
N VAL C 32 -27.48 18.13 22.17
CA VAL C 32 -27.52 19.49 21.65
C VAL C 32 -26.13 20.12 21.66
N PRO C 33 -25.62 20.55 20.51
CA PRO C 33 -24.29 21.18 20.48
C PRO C 33 -24.26 22.52 21.20
N GLU C 34 -23.08 23.07 21.43
CA GLU C 34 -22.95 24.39 22.05
C GLU C 34 -23.86 25.41 21.37
N TRP C 35 -24.47 26.27 22.17
CA TRP C 35 -25.38 27.28 21.65
C TRP C 35 -24.94 28.68 22.07
N SER C 36 -25.37 29.69 21.33
CA SER C 36 -25.14 31.08 21.70
C SER C 36 -26.24 31.56 22.62
N TYR C 37 -27.48 31.48 22.14
CA TYR C 37 -28.67 31.81 22.95
C TYR C 37 -29.78 30.81 22.62
N ILE C 38 -30.90 30.89 23.35
CA ILE C 38 -32.00 29.93 23.18
C ILE C 38 -33.27 30.58 22.65
N VAL C 39 -33.86 30.00 21.59
CA VAL C 39 -35.10 30.52 21.05
C VAL C 39 -36.29 29.60 21.40
N GLU C 40 -37.11 30.02 22.34
CA GLU C 40 -38.27 29.25 22.82
C GLU C 40 -39.53 29.93 22.34
N LYS C 41 -40.58 29.16 22.09
CA LYS C 41 -41.84 29.76 21.70
C LYS C 41 -42.61 30.31 22.91
N ALA C 42 -43.76 30.91 22.66
CA ALA C 42 -44.55 31.47 23.74
C ALA C 42 -45.28 30.37 24.51
N ASN C 43 -46.09 29.59 23.80
CA ASN C 43 -46.80 28.46 24.41
C ASN C 43 -46.47 27.17 23.66
N PRO C 44 -45.31 26.55 23.98
CA PRO C 44 -44.82 25.39 23.21
C PRO C 44 -45.71 24.15 23.34
N ALA C 45 -45.92 23.45 22.23
CA ALA C 45 -46.81 22.28 22.20
C ALA C 45 -46.31 21.11 23.06
N ASN C 46 -45.00 20.89 22.98
CA ASN C 46 -44.36 19.77 23.63
C ASN C 46 -43.65 20.21 24.88
N ASP C 47 -44.29 19.95 26.01
CA ASP C 47 -43.86 20.42 27.32
C ASP C 47 -43.81 19.24 28.30
N LEU C 48 -44.64 19.27 29.33
CA LEU C 48 -44.70 18.14 30.23
C LEU C 48 -45.60 17.06 29.69
N CYS C 49 -44.95 16.08 29.09
CA CYS C 49 -45.52 14.77 28.76
C CYS C 49 -46.80 14.48 29.50
N TYR C 50 -46.57 14.09 30.75
CA TYR C 50 -47.57 13.85 31.76
C TYR C 50 -47.93 15.16 32.47
N PRO C 51 -49.22 15.45 32.65
CA PRO C 51 -49.58 16.75 33.24
C PRO C 51 -49.01 17.00 34.64
N GLY C 52 -48.66 18.25 34.92
CA GLY C 52 -48.18 18.65 36.23
C GLY C 52 -47.52 20.02 36.20
N ASN C 53 -46.52 20.21 37.06
CA ASN C 53 -45.83 21.48 37.20
C ASN C 53 -44.33 21.29 37.26
N PHE C 54 -43.58 22.18 36.65
CA PHE C 54 -42.13 22.14 36.71
C PHE C 54 -41.68 23.22 37.67
N ASN C 55 -41.09 22.82 38.79
CA ASN C 55 -40.82 23.76 39.86
C ASN C 55 -39.59 24.61 39.65
N ASP C 56 -39.69 25.85 40.14
CA ASP C 56 -38.68 26.89 39.96
C ASP C 56 -38.23 26.97 38.50
N TYR C 57 -39.22 27.02 37.60
CA TYR C 57 -39.00 27.05 36.16
C TYR C 57 -38.30 28.35 35.73
N GLU C 58 -38.85 29.48 36.18
CA GLU C 58 -38.30 30.79 35.87
C GLU C 58 -36.87 30.91 36.39
N GLU C 59 -36.64 30.39 37.59
CA GLU C 59 -35.34 30.44 38.20
CA GLU C 59 -35.33 30.44 38.20
C GLU C 59 -34.33 29.71 37.32
N LEU C 60 -34.71 28.51 36.88
CA LEU C 60 -33.89 27.67 36.00
C LEU C 60 -33.69 28.31 34.63
N LYS C 61 -34.75 28.89 34.08
CA LYS C 61 -34.65 29.58 32.80
C LYS C 61 -33.63 30.72 32.90
N HIS C 62 -33.58 31.35 34.07
CA HIS C 62 -32.66 32.43 34.30
C HIS C 62 -31.22 31.94 34.28
N LEU C 63 -30.97 30.85 34.98
CA LEU C 63 -29.64 30.22 34.96
C LEU C 63 -29.22 29.91 33.54
N LEU C 64 -30.15 29.44 32.75
CA LEU C 64 -29.87 29.09 31.36
C LEU C 64 -29.38 30.31 30.56
N SER C 65 -29.68 31.51 31.03
CA SER C 65 -29.20 32.69 30.32
C SER C 65 -27.68 32.86 30.47
N ARG C 66 -27.08 32.06 31.36
CA ARG C 66 -25.65 32.06 31.58
C ARG C 66 -24.93 30.77 31.14
N ILE C 67 -25.66 29.86 30.50
CA ILE C 67 -25.10 28.57 30.04
C ILE C 67 -25.03 28.51 28.51
N ASN C 68 -23.91 28.03 28.00
CA ASN C 68 -23.76 27.87 26.57
C ASN C 68 -23.71 26.42 26.09
N HIS C 69 -23.38 25.48 26.98
CA HIS C 69 -23.45 24.07 26.63
C HIS C 69 -23.47 23.15 27.87
N PHE C 70 -24.26 22.07 27.75
CA PHE C 70 -24.36 21.02 28.75
C PHE C 70 -23.61 19.77 28.31
N GLU C 71 -23.03 19.03 29.25
CA GLU C 71 -22.62 17.68 28.95
C GLU C 71 -23.54 16.74 29.70
N LYS C 72 -24.31 15.93 28.99
CA LYS C 72 -25.21 14.98 29.63
C LYS C 72 -24.47 13.72 30.06
N ILE C 73 -24.61 13.34 31.32
CA ILE C 73 -23.98 12.13 31.79
C ILE C 73 -25.02 11.20 32.40
N GLN C 74 -24.69 9.93 32.50
CA GLN C 74 -25.58 8.99 33.18
C GLN C 74 -25.19 8.89 34.66
N ILE C 75 -26.11 9.17 35.58
CA ILE C 75 -25.75 9.14 37.00
C ILE C 75 -26.39 7.99 37.78
N ILE C 76 -27.56 7.54 37.36
CA ILE C 76 -28.11 6.31 37.89
C ILE C 76 -28.55 5.44 36.72
N PRO C 77 -27.74 4.45 36.37
CA PRO C 77 -28.05 3.52 35.29
C PRO C 77 -29.41 2.87 35.49
N LYS C 78 -30.30 2.88 34.48
CA LYS C 78 -31.58 2.19 34.58
C LYS C 78 -31.37 0.73 34.95
N SER C 79 -30.27 0.17 34.47
CA SER C 79 -29.98 -1.22 34.70
C SER C 79 -29.55 -1.55 36.13
N SER C 80 -29.69 -0.62 37.06
CA SER C 80 -29.21 -0.82 38.42
C SER C 80 -30.34 -0.79 39.46
N TRP C 81 -31.57 -0.83 38.96
CA TRP C 81 -32.73 -0.95 39.83
C TRP C 81 -33.09 -2.44 39.94
N SER C 82 -32.49 -3.11 40.92
CA SER C 82 -32.60 -4.57 41.01
C SER C 82 -33.99 -4.98 41.50
N ASP C 83 -34.52 -4.20 42.44
CA ASP C 83 -35.73 -4.55 43.19
C ASP C 83 -36.97 -3.74 42.80
N HIS C 84 -36.84 -2.91 41.78
CA HIS C 84 -37.94 -2.09 41.33
C HIS C 84 -38.05 -2.29 39.86
N GLU C 85 -39.25 -2.09 39.33
CA GLU C 85 -39.49 -2.22 37.91
C GLU C 85 -39.26 -0.85 37.26
N ALA C 86 -38.30 -0.79 36.34
CA ALA C 86 -37.87 0.50 35.79
C ALA C 86 -38.19 0.62 34.31
N SER C 87 -38.88 -0.37 33.75
CA SER C 87 -39.10 -0.40 32.31
C SER C 87 -40.56 -0.31 31.88
N SER C 88 -41.49 -0.29 32.82
CA SER C 88 -42.87 -0.24 32.40
C SER C 88 -43.54 1.02 32.88
N GLY C 89 -42.73 2.01 33.21
CA GLY C 89 -43.24 3.34 33.53
C GLY C 89 -43.44 4.22 32.30
N VAL C 90 -44.54 3.95 31.58
CA VAL C 90 -44.86 4.66 30.35
C VAL C 90 -46.34 5.00 30.31
N SER C 91 -46.69 6.02 29.54
CA SER C 91 -48.04 6.56 29.49
C SER C 91 -48.36 7.06 28.08
N SER C 92 -49.62 6.91 27.67
CA SER C 92 -50.01 7.31 26.33
C SER C 92 -50.06 8.83 26.19
N ALA C 93 -49.69 9.53 27.26
CA ALA C 93 -49.58 10.98 27.22
C ALA C 93 -48.25 11.39 26.59
N CYS C 94 -47.28 10.46 26.69
CA CYS C 94 -45.88 10.68 26.29
C CYS C 94 -45.50 9.78 25.13
N PRO C 95 -46.10 9.97 23.95
CA PRO C 95 -45.86 8.90 22.99
C PRO C 95 -44.55 9.04 22.24
N TYR C 96 -44.02 7.89 21.86
CA TYR C 96 -42.87 7.80 21.01
C TYR C 96 -43.22 6.84 19.88
N GLN C 97 -43.21 7.35 18.66
CA GLN C 97 -43.63 6.60 17.48
C GLN C 97 -45.01 6.00 17.72
N GLY C 98 -45.91 6.79 18.30
CA GLY C 98 -47.26 6.35 18.59
C GLY C 98 -47.39 5.27 19.66
N THR C 99 -46.37 5.10 20.50
CA THR C 99 -46.40 4.08 21.55
C THR C 99 -46.14 4.71 22.95
N PRO C 100 -46.75 4.13 24.00
CA PRO C 100 -46.59 4.71 25.34
C PRO C 100 -45.13 4.76 25.73
N SER C 101 -44.66 5.94 26.12
CA SER C 101 -43.27 6.14 26.52
C SER C 101 -43.23 7.10 27.71
N PHE C 102 -42.10 7.75 27.91
CA PHE C 102 -41.94 8.65 29.05
C PHE C 102 -40.70 9.49 28.83
N PHE C 103 -40.54 10.57 29.58
CA PHE C 103 -39.34 11.39 29.54
C PHE C 103 -38.08 10.53 29.51
N ARG C 104 -37.13 10.83 28.64
CA ARG C 104 -35.98 9.95 28.50
C ARG C 104 -34.98 10.11 29.65
N ASN C 105 -34.94 11.28 30.31
CA ASN C 105 -33.91 11.53 31.33
C ASN C 105 -34.24 11.08 32.76
N VAL C 106 -35.49 10.70 33.01
CA VAL C 106 -35.87 10.27 34.34
C VAL C 106 -36.61 8.95 34.26
N VAL C 107 -36.75 8.28 35.39
CA VAL C 107 -37.33 6.94 35.40
C VAL C 107 -38.55 6.85 36.30
N TRP C 108 -39.68 6.43 35.73
CA TRP C 108 -40.88 6.20 36.50
C TRP C 108 -40.82 4.81 37.12
N LEU C 109 -40.27 4.72 38.32
CA LEU C 109 -40.13 3.44 39.01
C LEU C 109 -41.48 2.96 39.53
N ILE C 110 -41.76 1.68 39.26
CA ILE C 110 -42.99 0.99 39.66
C ILE C 110 -42.56 -0.21 40.55
N LYS C 111 -43.45 -0.72 41.39
CA LYS C 111 -43.16 -1.89 42.23
C LYS C 111 -42.85 -3.16 41.42
N LYS C 112 -42.07 -4.05 42.04
CA LYS C 112 -41.71 -5.35 41.51
C LYS C 112 -42.27 -6.42 42.44
N ASN C 113 -43.02 -7.38 41.88
CA ASN C 113 -43.63 -8.45 42.67
C ASN C 113 -44.39 -7.95 43.92
N ASN C 114 -45.27 -6.97 43.75
CA ASN C 114 -46.08 -6.44 44.88
C ASN C 114 -45.25 -5.97 46.06
N THR C 115 -44.12 -5.33 45.76
CA THR C 115 -43.29 -4.80 46.81
C THR C 115 -42.40 -3.70 46.22
N TYR C 116 -42.25 -2.63 47.00
CA TYR C 116 -41.45 -1.45 46.66
C TYR C 116 -40.53 -1.19 47.84
N PRO C 117 -39.35 -1.83 47.85
CA PRO C 117 -38.44 -1.66 48.98
C PRO C 117 -38.00 -0.21 49.06
N THR C 118 -37.64 0.27 50.24
CA THR C 118 -37.17 1.64 50.40
C THR C 118 -35.89 1.91 49.62
N ILE C 119 -35.93 2.92 48.75
CA ILE C 119 -34.75 3.33 48.02
C ILE C 119 -33.91 4.20 48.92
N LYS C 120 -32.62 3.88 49.02
CA LYS C 120 -31.65 4.71 49.72
C LYS C 120 -30.43 4.76 48.85
N ARG C 121 -30.48 5.69 47.92
CA ARG C 121 -29.48 5.84 46.87
C ARG C 121 -28.68 7.13 47.15
N SER C 122 -27.47 7.25 46.64
CA SER C 122 -26.74 8.50 46.82
C SER C 122 -25.68 8.67 45.75
N TYR C 123 -25.47 9.91 45.30
CA TYR C 123 -24.51 10.13 44.22
C TYR C 123 -23.52 11.29 44.52
N ASN C 124 -22.21 11.00 44.56
CA ASN C 124 -21.16 12.01 44.85
C ASN C 124 -20.63 12.61 43.55
N ASN C 125 -20.71 13.93 43.40
CA ASN C 125 -20.30 14.60 42.17
C ASN C 125 -18.80 14.63 42.06
N THR C 126 -18.26 13.60 41.40
CA THR C 126 -16.83 13.46 41.22
C THR C 126 -16.42 14.01 39.87
N ASN C 127 -17.33 14.76 39.25
CA ASN C 127 -17.00 15.47 38.04
C ASN C 127 -16.35 16.77 38.53
N GLN C 128 -15.73 17.53 37.64
CA GLN C 128 -15.08 18.73 38.14
C GLN C 128 -16.00 19.97 38.01
N GLU C 129 -17.24 19.74 37.54
CA GLU C 129 -18.19 20.83 37.29
C GLU C 129 -19.54 20.72 37.99
N ASP C 130 -20.27 21.85 38.04
CA ASP C 130 -21.64 21.87 38.56
C ASP C 130 -22.54 20.92 37.79
N LEU C 131 -23.33 20.15 38.52
CA LEU C 131 -24.20 19.14 37.94
C LEU C 131 -25.65 19.56 38.11
N LEU C 132 -26.38 19.67 37.00
CA LEU C 132 -27.81 19.96 37.03
C LEU C 132 -28.57 18.64 37.10
N ILE C 133 -29.37 18.47 38.15
CA ILE C 133 -30.10 17.22 38.36
C ILE C 133 -31.62 17.41 38.46
N LEU C 134 -32.38 16.68 37.65
CA LEU C 134 -33.84 16.78 37.71
C LEU C 134 -34.45 15.46 38.13
N TRP C 135 -35.54 15.55 38.88
CA TRP C 135 -36.25 14.38 39.35
C TRP C 135 -37.70 14.77 39.49
N GLY C 136 -38.55 13.85 39.93
CA GLY C 136 -39.94 14.19 40.15
C GLY C 136 -40.69 13.36 41.18
N ILE C 137 -41.91 13.78 41.47
CA ILE C 137 -42.82 13.01 42.30
C ILE C 137 -44.20 12.90 41.63
N HIS C 138 -44.80 11.72 41.73
CA HIS C 138 -46.11 11.46 41.12
C HIS C 138 -47.27 11.53 42.12
N HIS C 139 -48.20 12.46 41.92
CA HIS C 139 -49.42 12.50 42.72
C HIS C 139 -50.53 11.66 42.10
N SER C 140 -50.87 10.56 42.75
CA SER C 140 -51.79 9.62 42.13
C SER C 140 -53.24 10.00 42.30
N ASN C 141 -54.06 9.34 41.49
CA ASN C 141 -55.50 9.54 41.43
C ASN C 141 -56.22 9.18 42.70
N ASP C 142 -56.07 7.92 43.08
CA ASP C 142 -56.78 7.36 44.21
C ASP C 142 -55.94 6.29 44.89
N ALA C 143 -56.47 5.69 45.95
CA ALA C 143 -55.74 4.73 46.75
C ALA C 143 -55.45 3.50 45.93
N ALA C 144 -56.35 3.20 45.00
CA ALA C 144 -56.25 1.99 44.16
C ALA C 144 -55.09 2.15 43.20
N GLU C 145 -55.05 3.28 42.51
CA GLU C 145 -53.93 3.61 41.65
C GLU C 145 -52.63 3.54 42.45
N GLN C 146 -52.68 4.05 43.69
CA GLN C 146 -51.52 4.10 44.56
C GLN C 146 -50.90 2.75 44.89
N THR C 147 -51.71 1.77 45.27
CA THR C 147 -51.17 0.44 45.48
C THR C 147 -50.80 -0.29 44.19
N LYS C 148 -51.51 -0.02 43.09
CA LYS C 148 -51.24 -0.75 41.86
C LYS C 148 -49.84 -0.42 41.34
N LEU C 149 -49.37 0.79 41.59
CA LEU C 149 -48.09 1.25 41.06
C LEU C 149 -46.94 1.05 42.03
N TYR C 150 -47.19 1.37 43.30
CA TYR C 150 -46.21 1.22 44.37
C TYR C 150 -46.95 0.40 45.39
N GLN C 151 -46.28 -0.42 46.20
CA GLN C 151 -47.14 -1.27 47.05
C GLN C 151 -47.66 -0.44 48.21
N ASN C 152 -46.87 0.55 48.57
CA ASN C 152 -47.07 1.30 49.78
C ASN C 152 -48.05 2.43 49.60
N PRO C 153 -49.12 2.46 50.42
CA PRO C 153 -50.15 3.51 50.38
C PRO C 153 -49.70 4.82 51.01
N THR C 154 -48.70 4.74 51.87
CA THR C 154 -48.19 5.90 52.58
C THR C 154 -46.71 6.09 52.26
N THR C 155 -46.42 7.04 51.38
CA THR C 155 -45.10 7.14 50.81
C THR C 155 -44.53 8.55 50.92
N TYR C 156 -43.29 8.71 50.47
CA TYR C 156 -42.62 10.00 50.51
C TYR C 156 -41.46 10.07 49.51
N ILE C 157 -41.06 11.28 49.16
CA ILE C 157 -39.86 11.53 48.36
C ILE C 157 -38.93 12.31 49.26
N SER C 158 -37.66 11.90 49.30
CA SER C 158 -36.68 12.57 50.16
C SER C 158 -35.41 12.87 49.38
N VAL C 159 -35.07 14.14 49.21
CA VAL C 159 -33.87 14.50 48.48
C VAL C 159 -33.06 15.55 49.27
N GLY C 160 -31.74 15.42 49.30
CA GLY C 160 -30.94 16.35 50.08
C GLY C 160 -29.49 16.50 49.65
N THR C 161 -29.02 17.74 49.64
CA THR C 161 -27.62 18.02 49.41
C THR C 161 -27.13 18.94 50.54
N SER C 162 -25.98 19.55 50.38
CA SER C 162 -25.50 20.50 51.39
C SER C 162 -26.43 21.70 51.43
N THR C 163 -27.02 21.99 50.28
CA THR C 163 -27.83 23.19 50.11
C THR C 163 -29.28 22.89 49.72
N LEU C 164 -29.77 21.72 50.08
CA LEU C 164 -31.14 21.34 49.72
C LEU C 164 -31.73 20.38 50.70
N ASN C 165 -32.97 20.61 51.09
CA ASN C 165 -33.69 19.65 51.93
C ASN C 165 -35.14 19.49 51.54
N GLN C 166 -35.42 18.43 50.80
CA GLN C 166 -36.76 18.14 50.32
C GLN C 166 -37.31 16.83 50.89
N ARG C 167 -38.48 16.91 51.52
CA ARG C 167 -39.21 15.71 51.88
C ARG C 167 -40.68 15.93 51.50
N LEU C 168 -41.10 15.27 50.43
CA LEU C 168 -42.44 15.46 49.93
C LEU C 168 -43.29 14.23 50.16
N VAL C 169 -44.59 14.45 50.34
CA VAL C 169 -45.58 13.40 50.49
C VAL C 169 -46.50 13.55 49.28
N PRO C 170 -46.78 12.47 48.54
CA PRO C 170 -47.66 12.65 47.36
C PRO C 170 -49.08 13.07 47.71
N LYS C 171 -49.61 14.02 46.96
CA LYS C 171 -50.93 14.58 47.23
C LYS C 171 -52.01 13.89 46.39
N ILE C 172 -52.54 12.80 46.93
CA ILE C 172 -53.44 11.92 46.19
C ILE C 172 -54.86 12.47 46.14
N ALA C 173 -55.38 12.68 44.91
CA ALA C 173 -56.78 13.12 44.72
C ALA C 173 -57.21 13.14 43.23
N GLY C 180 -55.88 12.65 28.93
CA GLY C 180 -56.13 11.24 29.23
C GLY C 180 -55.75 10.87 30.65
N GLN C 181 -54.94 11.70 31.27
CA GLN C 181 -54.37 11.40 32.59
C GLN C 181 -55.02 12.29 33.69
N SER C 182 -55.39 11.68 34.81
CA SER C 182 -56.10 12.41 35.88
C SER C 182 -55.22 12.61 37.13
N GLY C 183 -54.05 11.98 37.13
CA GLY C 183 -53.07 12.24 38.18
C GLY C 183 -52.12 13.35 37.75
N ARG C 184 -51.20 13.77 38.61
CA ARG C 184 -50.26 14.80 38.23
C ARG C 184 -48.84 14.39 38.56
N MET C 185 -47.87 15.12 38.00
CA MET C 185 -46.48 14.98 38.41
C MET C 185 -45.82 16.30 38.65
N ASP C 186 -45.12 16.40 39.75
CA ASP C 186 -44.26 17.54 40.03
C ASP C 186 -42.82 17.21 39.67
N PHE C 187 -42.14 18.15 39.02
CA PHE C 187 -40.71 17.99 38.76
C PHE C 187 -39.91 19.05 39.48
N PHE C 188 -38.67 18.71 39.84
CA PHE C 188 -37.82 19.60 40.63
C PHE C 188 -36.40 19.51 40.11
N TRP C 189 -35.59 20.48 40.47
CA TRP C 189 -34.21 20.44 40.04
C TRP C 189 -33.32 21.08 41.10
N THR C 190 -32.06 20.72 41.09
CA THR C 190 -31.08 21.38 41.91
C THR C 190 -29.74 21.38 41.19
N ILE C 191 -28.82 22.22 41.67
CA ILE C 191 -27.45 22.23 41.17
C ILE C 191 -26.55 21.61 42.23
N LEU C 192 -25.82 20.58 41.84
CA LEU C 192 -24.93 19.90 42.77
C LEU C 192 -23.47 20.39 42.59
N LYS C 193 -22.97 21.13 43.57
CA LYS C 193 -21.62 21.67 43.48
C LYS C 193 -20.63 20.52 43.50
N PRO C 194 -19.47 20.71 42.88
CA PRO C 194 -18.42 19.69 42.88
C PRO C 194 -18.03 19.24 44.30
N ASN C 195 -17.97 17.92 44.48
CA ASN C 195 -17.64 17.21 45.73
C ASN C 195 -18.76 17.09 46.73
N ASP C 196 -19.90 17.73 46.45
CA ASP C 196 -21.06 17.55 47.29
C ASP C 196 -21.73 16.29 46.79
N ALA C 197 -22.59 15.69 47.62
CA ALA C 197 -23.33 14.49 47.24
C ALA C 197 -24.82 14.75 47.30
N ILE C 198 -25.58 14.02 46.49
CA ILE C 198 -27.03 14.08 46.62
C ILE C 198 -27.56 12.73 47.17
N ASN C 199 -28.56 12.79 48.05
CA ASN C 199 -29.13 11.61 48.66
C ASN C 199 -30.60 11.50 48.36
N PHE C 200 -31.00 10.36 47.80
CA PHE C 200 -32.37 10.06 47.46
C PHE C 200 -32.89 8.99 48.39
N GLU C 201 -34.09 9.18 48.91
CA GLU C 201 -34.75 8.14 49.67
C GLU C 201 -36.24 8.20 49.42
N SER C 202 -36.84 7.06 49.11
CA SER C 202 -38.26 7.00 48.80
C SER C 202 -38.79 5.59 48.97
N ASN C 203 -40.10 5.49 49.23
CA ASN C 203 -40.76 4.21 49.20
C ASN C 203 -41.99 4.24 48.28
N GLY C 204 -42.00 5.17 47.34
CA GLY C 204 -43.05 5.23 46.34
C GLY C 204 -43.21 6.59 45.69
N ASN C 205 -43.82 6.64 44.52
CA ASN C 205 -44.13 7.88 43.80
C ASN C 205 -42.90 8.68 43.36
N PHE C 206 -41.75 8.04 43.27
CA PHE C 206 -40.48 8.72 43.01
C PHE C 206 -40.12 8.64 41.55
N ILE C 207 -39.91 9.79 40.93
CA ILE C 207 -39.44 9.78 39.54
C ILE C 207 -37.93 9.98 39.55
N ALA C 208 -37.17 8.90 39.37
CA ALA C 208 -35.73 8.96 39.66
C ALA C 208 -34.95 9.57 38.53
N PRO C 209 -33.80 10.18 38.86
CA PRO C 209 -32.89 10.65 37.83
C PRO C 209 -32.27 9.48 37.06
N GLU C 210 -32.11 9.63 35.76
CA GLU C 210 -31.26 8.73 35.02
C GLU C 210 -30.09 9.49 34.46
N TYR C 211 -30.39 10.56 33.72
CA TYR C 211 -29.35 11.44 33.17
C TYR C 211 -29.32 12.80 33.85
N ALA C 212 -28.15 13.42 33.86
CA ALA C 212 -28.03 14.74 34.43
C ALA C 212 -27.12 15.54 33.54
N TYR C 213 -27.01 16.84 33.81
CA TYR C 213 -26.25 17.73 32.93
C TYR C 213 -25.10 18.45 33.62
N LYS C 214 -23.89 18.19 33.17
CA LYS C 214 -22.76 18.96 33.65
C LYS C 214 -22.81 20.31 32.97
N ILE C 215 -22.63 21.36 33.76
CA ILE C 215 -22.59 22.71 33.23
C ILE C 215 -21.16 22.98 32.79
N VAL C 216 -20.92 22.85 31.50
CA VAL C 216 -19.57 22.75 30.96
C VAL C 216 -19.07 24.09 30.39
N LYS C 217 -19.93 24.80 29.66
CA LYS C 217 -19.57 26.10 29.15
C LYS C 217 -20.50 27.19 29.70
N LYS C 218 -19.93 28.32 30.11
CA LYS C 218 -20.73 29.46 30.55
C LYS C 218 -20.47 30.68 29.66
N GLY C 219 -21.03 31.80 30.06
CA GLY C 219 -20.94 33.00 29.27
C GLY C 219 -22.36 33.38 28.97
N ASP C 220 -22.56 34.24 27.98
CA ASP C 220 -23.89 34.80 27.79
C ASP C 220 -24.79 34.07 26.78
N SER C 221 -25.92 33.62 27.32
CA SER C 221 -27.06 33.19 26.54
C SER C 221 -28.20 34.11 26.89
N ALA C 222 -29.41 33.70 26.52
CA ALA C 222 -30.63 34.44 26.78
C ALA C 222 -31.76 33.55 26.29
N ILE C 223 -32.94 33.67 26.86
CA ILE C 223 -34.09 33.01 26.24
C ILE C 223 -34.85 34.02 25.38
N VAL C 224 -35.32 33.58 24.21
CA VAL C 224 -36.02 34.47 23.29
C VAL C 224 -37.40 33.95 22.89
N GLN D 1 26.93 12.98 -25.36
CA GLN D 1 26.19 12.03 -24.53
C GLN D 1 24.68 12.21 -24.73
N LEU D 2 24.00 11.09 -24.95
CA LEU D 2 22.54 11.05 -24.95
C LEU D 2 22.01 10.88 -23.54
N GLN D 3 21.22 11.84 -23.05
CA GLN D 3 20.60 11.67 -21.73
C GLN D 3 19.09 11.76 -21.83
N LEU D 4 18.42 10.92 -21.04
CA LEU D 4 16.98 10.84 -20.98
C LEU D 4 16.47 11.08 -19.55
N GLN D 5 15.36 11.80 -19.42
CA GLN D 5 14.81 12.06 -18.11
C GLN D 5 13.28 12.02 -18.11
N GLU D 6 12.71 11.18 -17.26
CA GLU D 6 11.28 11.15 -17.07
C GLU D 6 10.87 12.29 -16.12
N SER D 7 9.64 12.77 -16.26
CA SER D 7 9.07 13.68 -15.26
C SER D 7 7.57 13.77 -15.37
N GLY D 8 6.94 14.15 -14.27
CA GLY D 8 5.49 14.23 -14.20
C GLY D 8 5.00 13.94 -12.79
N LEU D 9 3.68 13.96 -12.61
CA LEU D 9 3.09 13.75 -11.30
C LEU D 9 3.54 12.47 -10.65
N GLY D 10 3.63 12.51 -9.33
CA GLY D 10 4.02 11.35 -8.56
C GLY D 10 2.81 10.64 -8.06
N LEU D 11 1.71 11.36 -7.91
CA LEU D 11 0.51 10.76 -7.36
C LEU D 11 -0.63 11.01 -8.31
N VAL D 12 -1.33 9.94 -8.70
CA VAL D 12 -2.43 10.06 -9.64
C VAL D 12 -3.68 9.40 -9.09
N LYS D 13 -4.80 10.10 -9.12
CA LYS D 13 -6.05 9.54 -8.66
C LYS D 13 -6.43 8.44 -9.68
N PRO D 14 -6.96 7.29 -9.21
CA PRO D 14 -7.46 6.21 -10.08
C PRO D 14 -8.58 6.68 -10.99
N SER D 15 -8.59 6.11 -12.19
CA SER D 15 -9.54 6.42 -13.29
C SER D 15 -9.15 7.69 -14.01
N GLU D 16 -8.20 8.44 -13.46
CA GLU D 16 -7.65 9.56 -14.20
C GLU D 16 -6.60 9.11 -15.19
N THR D 17 -5.98 10.07 -15.86
CA THR D 17 -5.00 9.76 -16.86
C THR D 17 -3.60 10.05 -16.37
N LEU D 18 -2.77 9.02 -16.35
CA LEU D 18 -1.36 9.19 -16.05
C LEU D 18 -0.70 9.83 -17.27
N SER D 19 0.15 10.81 -17.01
CA SER D 19 0.83 11.54 -18.07
C SER D 19 2.30 11.77 -17.66
N LEU D 20 3.24 11.44 -18.53
CA LEU D 20 4.67 11.61 -18.24
C LEU D 20 5.37 12.12 -19.48
N THR D 21 6.43 12.93 -19.31
CA THR D 21 7.28 13.21 -20.48
C THR D 21 8.74 12.76 -20.28
N CYS D 22 9.38 12.44 -21.40
CA CYS D 22 10.80 12.15 -21.44
C CYS D 22 11.52 13.29 -22.14
N THR D 23 12.46 13.94 -21.46
CA THR D 23 13.21 15.02 -22.10
C THR D 23 14.52 14.49 -22.63
N VAL D 24 14.74 14.66 -23.93
CA VAL D 24 15.92 14.09 -24.57
C VAL D 24 16.95 15.16 -24.87
N SER D 25 18.21 14.92 -24.52
CA SER D 25 19.33 15.80 -24.84
C SER D 25 20.52 15.03 -25.41
N GLY D 26 21.06 15.49 -26.53
CA GLY D 26 22.21 14.87 -27.17
C GLY D 26 21.81 14.06 -28.39
N ASP D 27 20.58 14.28 -28.83
CA ASP D 27 20.02 13.66 -30.01
C ASP D 27 18.59 14.15 -30.08
N SER D 28 18.02 14.24 -31.28
CA SER D 28 16.70 14.84 -31.45
C SER D 28 15.67 13.73 -31.30
N VAL D 29 14.40 14.07 -31.09
CA VAL D 29 13.40 12.99 -30.99
C VAL D 29 13.04 12.61 -32.42
N SER D 30 13.69 13.30 -33.33
CA SER D 30 13.88 12.91 -34.72
C SER D 30 15.31 12.31 -34.76
N SER D 31 15.61 11.42 -35.69
CA SER D 31 14.67 11.17 -36.76
C SER D 31 13.99 9.85 -36.52
N GLY D 32 14.13 9.00 -37.51
CA GLY D 32 13.46 7.73 -37.57
C GLY D 32 14.39 6.59 -37.39
N SER D 33 15.61 6.85 -36.95
CA SER D 33 16.54 5.75 -36.76
C SER D 33 16.27 4.99 -35.47
N TYR D 34 15.36 5.50 -34.64
CA TYR D 34 15.13 4.89 -33.31
C TYR D 34 13.65 4.75 -32.95
N TYR D 35 13.38 3.88 -31.99
CA TYR D 35 12.08 3.82 -31.33
C TYR D 35 12.17 4.63 -30.05
N TRP D 36 11.10 5.32 -29.69
CA TRP D 36 11.13 6.08 -28.46
C TRP D 36 10.13 5.47 -27.52
N SER D 37 10.61 4.86 -26.43
CA SER D 37 9.82 3.86 -25.72
C SER D 37 9.58 4.11 -24.24
N TRP D 38 8.50 3.53 -23.72
CA TRP D 38 8.21 3.54 -22.28
C TRP D 38 8.15 2.14 -21.71
N LEU D 39 8.76 1.94 -20.55
CA LEU D 39 8.65 0.67 -19.86
C LEU D 39 8.27 0.97 -18.43
N ARG D 40 7.97 -0.03 -17.60
CA ARG D 40 7.64 0.23 -16.22
C ARG D 40 7.97 -0.94 -15.34
N GLN D 41 8.08 -0.68 -14.04
CA GLN D 41 8.49 -1.72 -13.10
C GLN D 41 7.62 -1.68 -11.85
N PRO D 42 6.59 -2.53 -11.78
CA PRO D 42 5.66 -2.57 -10.64
C PRO D 42 6.27 -3.12 -9.36
N PRO D 43 5.63 -2.88 -8.19
CA PRO D 43 6.10 -3.66 -7.03
C PRO D 43 5.76 -5.11 -7.39
N GLY D 44 6.65 -6.06 -7.12
CA GLY D 44 6.51 -7.35 -7.80
C GLY D 44 7.44 -7.19 -9.01
N LYS D 45 8.66 -6.76 -8.63
CA LYS D 45 9.81 -6.33 -9.47
C LYS D 45 9.79 -6.46 -11.04
N GLY D 46 8.95 -7.33 -11.61
CA GLY D 46 8.93 -7.53 -13.05
C GLY D 46 9.12 -6.32 -13.97
N LEU D 47 9.89 -6.45 -15.03
CA LEU D 47 9.90 -5.40 -16.05
C LEU D 47 8.67 -5.63 -16.93
N GLU D 48 8.05 -4.55 -17.39
CA GLU D 48 6.90 -4.64 -18.26
C GLU D 48 7.06 -3.61 -19.39
N TRP D 49 6.84 -4.03 -20.63
CA TRP D 49 6.97 -3.14 -21.79
C TRP D 49 5.66 -2.43 -22.03
N ILE D 50 5.69 -1.13 -22.28
CA ILE D 50 4.46 -0.40 -22.54
C ILE D 50 4.25 -0.13 -24.03
N GLY D 51 5.26 0.42 -24.70
CA GLY D 51 5.16 0.58 -26.14
C GLY D 51 6.36 1.25 -26.79
N ASN D 52 6.45 1.15 -28.11
CA ASN D 52 7.46 1.87 -28.87
C ASN D 52 6.79 2.89 -29.74
N MET D 53 7.44 4.04 -29.95
CA MET D 53 6.90 5.03 -30.86
C MET D 53 7.94 5.44 -31.88
N HIS D 54 7.52 5.56 -33.13
CA HIS D 54 8.40 6.01 -34.17
C HIS D 54 8.03 7.43 -34.60
N GLY D 55 9.06 8.24 -34.88
CA GLY D 55 8.86 9.63 -35.22
C GLY D 55 7.90 9.87 -36.35
N SER D 56 7.57 8.83 -37.08
CA SER D 56 6.69 8.94 -38.23
C SER D 56 5.26 8.91 -37.75
N GLY D 57 5.10 8.63 -36.46
CA GLY D 57 3.79 8.52 -35.84
C GLY D 57 3.24 7.09 -35.76
N HIS D 58 4.00 6.11 -36.23
CA HIS D 58 3.60 4.71 -36.06
C HIS D 58 4.04 4.15 -34.71
N THR D 59 3.20 3.30 -34.14
CA THR D 59 3.38 2.86 -32.76
C THR D 59 3.15 1.36 -32.67
N ASN D 60 3.70 0.77 -31.62
CA ASN D 60 3.45 -0.62 -31.31
C ASN D 60 3.28 -0.67 -29.80
N TYR D 61 2.06 -0.97 -29.33
CA TYR D 61 1.82 -0.96 -27.89
C TYR D 61 1.69 -2.37 -27.35
N ASN D 62 1.82 -2.51 -26.05
CA ASN D 62 1.58 -3.78 -25.43
C ASN D 62 0.11 -4.12 -25.55
N PRO D 63 -0.20 -5.28 -26.13
CA PRO D 63 -1.60 -5.67 -26.34
C PRO D 63 -2.46 -5.67 -25.08
N SER D 64 -1.85 -5.83 -23.91
CA SER D 64 -2.58 -5.74 -22.64
C SER D 64 -2.94 -4.31 -22.22
N LEU D 65 -2.45 -3.32 -22.97
CA LEU D 65 -2.58 -1.90 -22.61
C LEU D 65 -2.99 -1.02 -23.80
N LYS D 66 -2.92 -1.61 -25.00
CA LYS D 66 -3.18 -0.93 -26.28
C LYS D 66 -4.30 0.13 -26.23
N SER D 67 -5.40 -0.24 -25.59
CA SER D 67 -6.60 0.58 -25.56
C SER D 67 -6.46 1.79 -24.68
N ARG D 68 -5.49 1.76 -23.77
CA ARG D 68 -5.30 2.85 -22.80
C ARG D 68 -4.05 3.69 -23.03
N VAL D 69 -3.11 3.17 -23.80
CA VAL D 69 -1.81 3.83 -23.97
C VAL D 69 -1.83 4.81 -25.15
N THR D 70 -1.05 5.87 -25.01
CA THR D 70 -0.78 6.78 -26.09
C THR D 70 0.67 7.27 -25.95
N ILE D 71 1.45 7.16 -27.02
CA ILE D 71 2.79 7.75 -26.98
C ILE D 71 2.95 8.71 -28.14
N THR D 72 3.21 9.97 -27.84
CA THR D 72 3.31 11.03 -28.85
C THR D 72 4.56 11.86 -28.67
N PRO D 73 5.10 12.43 -29.78
CA PRO D 73 6.28 13.29 -29.70
C PRO D 73 5.97 14.78 -29.63
N ASP D 74 6.96 15.56 -29.22
CA ASP D 74 6.90 17.03 -29.27
C ASP D 74 8.26 17.55 -29.77
N THR D 75 8.46 17.49 -31.09
CA THR D 75 9.78 17.72 -31.68
C THR D 75 10.37 19.08 -31.32
N SER D 76 9.50 20.05 -31.10
CA SER D 76 9.90 21.42 -30.83
C SER D 76 10.25 21.67 -29.36
N LYS D 77 10.51 20.59 -28.65
CA LYS D 77 10.88 20.67 -27.24
C LYS D 77 11.74 19.46 -26.88
N ASN D 78 11.91 18.57 -27.87
CA ASN D 78 12.67 17.34 -27.70
C ASN D 78 12.16 16.55 -26.50
N HIS D 79 10.84 16.36 -26.50
CA HIS D 79 10.14 15.55 -25.52
C HIS D 79 9.44 14.46 -26.26
N PHE D 80 9.13 13.37 -25.57
CA PHE D 80 7.97 12.61 -25.98
C PHE D 80 7.24 12.19 -24.72
N SER D 81 5.99 11.80 -24.90
CA SER D 81 5.05 11.66 -23.80
C SER D 81 4.40 10.29 -23.73
N LEU D 82 4.12 9.86 -22.51
CA LEU D 82 3.27 8.72 -22.29
C LEU D 82 1.97 9.27 -21.70
N ARG D 83 0.87 8.68 -22.12
CA ARG D 83 -0.42 9.11 -21.67
C ARG D 83 -1.17 7.81 -21.44
N LEU D 84 -1.47 7.51 -20.18
CA LEU D 84 -2.11 6.24 -19.83
C LEU D 84 -3.44 6.53 -19.17
N SER D 85 -4.56 6.12 -19.78
CA SER D 85 -5.86 6.53 -19.24
C SER D 85 -6.44 5.49 -18.28
N SER D 86 -7.45 5.90 -17.52
CA SER D 86 -8.17 5.00 -16.61
C SER D 86 -7.25 4.17 -15.73
N VAL D 87 -6.32 4.82 -15.05
CA VAL D 87 -5.37 4.05 -14.26
C VAL D 87 -6.01 3.47 -13.00
N THR D 88 -5.41 2.39 -12.51
CA THR D 88 -5.79 1.76 -11.25
C THR D 88 -4.52 1.50 -10.49
N ALA D 89 -4.67 0.91 -9.30
CA ALA D 89 -3.53 0.62 -8.43
C ALA D 89 -2.53 -0.25 -9.13
N ALA D 90 -3.02 -0.97 -10.14
CA ALA D 90 -2.21 -1.86 -10.94
C ALA D 90 -1.16 -1.10 -11.77
N ASP D 91 -1.33 0.21 -11.87
CA ASP D 91 -0.41 1.00 -12.68
C ASP D 91 0.67 1.71 -11.86
N THR D 92 0.62 1.55 -10.55
CA THR D 92 1.66 2.01 -9.66
C THR D 92 2.98 1.37 -10.07
N ALA D 93 3.99 2.16 -10.36
CA ALA D 93 5.24 1.59 -10.81
C ALA D 93 6.34 2.63 -10.88
N VAL D 94 7.57 2.16 -11.10
CA VAL D 94 8.61 3.02 -11.62
C VAL D 94 8.52 2.97 -13.14
N TYR D 95 8.35 4.13 -13.76
CA TYR D 95 8.28 4.23 -15.20
C TYR D 95 9.64 4.66 -15.76
N TYR D 96 10.05 4.04 -16.87
CA TYR D 96 11.28 4.41 -17.57
C TYR D 96 10.98 4.84 -18.99
N CYS D 97 11.75 5.81 -19.48
CA CYS D 97 11.75 6.07 -20.91
C CYS D 97 13.03 5.49 -21.49
N ALA D 98 13.06 5.25 -22.78
CA ALA D 98 14.22 4.64 -23.44
C ALA D 98 14.28 4.94 -24.94
N ARG D 99 15.50 4.93 -25.49
CA ARG D 99 15.71 5.00 -26.93
C ARG D 99 16.16 3.65 -27.44
N ALA D 100 15.49 3.15 -28.48
CA ALA D 100 15.65 1.78 -28.87
C ALA D 100 16.04 1.61 -30.34
N LEU D 101 16.74 0.52 -30.63
CA LEU D 101 17.02 0.14 -31.99
C LEU D 101 15.75 -0.43 -32.63
N LEU D 102 15.74 -0.53 -33.96
CA LEU D 102 14.53 -0.92 -34.69
C LEU D 102 14.38 -2.43 -34.88
N THR D 103 14.99 -3.20 -33.97
CA THR D 103 14.96 -4.65 -34.01
C THR D 103 13.62 -5.17 -33.52
N THR D 104 13.15 -6.32 -34.05
CA THR D 104 11.77 -6.73 -33.77
C THR D 104 11.63 -7.21 -32.33
N VAL D 105 12.68 -7.81 -31.79
CA VAL D 105 12.85 -7.90 -30.34
C VAL D 105 13.56 -6.62 -29.97
N THR D 106 12.84 -5.61 -29.49
CA THR D 106 13.43 -4.28 -29.56
C THR D 106 14.54 -4.14 -28.53
N THR D 107 15.60 -3.43 -28.93
CA THR D 107 16.82 -3.32 -28.15
C THR D 107 16.87 -2.02 -27.37
N PHE D 108 16.51 -2.09 -26.10
CA PHE D 108 16.45 -0.89 -25.29
C PHE D 108 17.88 -0.50 -24.87
N GLU D 109 18.50 0.32 -25.72
CA GLU D 109 19.91 0.72 -25.60
C GLU D 109 20.20 1.67 -24.45
N TYR D 110 19.48 2.78 -24.43
CA TYR D 110 19.67 3.84 -23.47
C TYR D 110 18.38 4.07 -22.67
N TRP D 111 18.50 4.09 -21.34
CA TRP D 111 17.36 4.23 -20.46
C TRP D 111 17.40 5.56 -19.72
N GLY D 112 16.23 6.04 -19.32
CA GLY D 112 16.12 7.18 -18.41
C GLY D 112 16.45 6.75 -16.99
N GLN D 113 16.17 7.58 -15.99
CA GLN D 113 16.65 7.27 -14.65
C GLN D 113 15.55 6.59 -13.85
N GLY D 114 14.31 6.76 -14.28
CA GLY D 114 13.17 6.21 -13.57
C GLY D 114 12.39 7.26 -12.79
N THR D 115 11.08 7.09 -12.76
CA THR D 115 10.22 7.97 -11.99
C THR D 115 9.09 7.16 -11.37
N LEU D 116 8.95 7.27 -10.05
CA LEU D 116 7.92 6.52 -9.36
C LEU D 116 6.58 7.19 -9.59
N VAL D 117 5.54 6.38 -9.83
CA VAL D 117 4.18 6.90 -9.95
C VAL D 117 3.23 6.06 -9.11
N THR D 118 2.61 6.67 -8.11
CA THR D 118 1.68 5.97 -7.24
C THR D 118 0.26 6.36 -7.58
N VAL D 119 -0.53 5.38 -8.01
CA VAL D 119 -1.95 5.62 -8.25
C VAL D 119 -2.71 5.24 -6.98
N SER D 120 -3.33 6.22 -6.31
CA SER D 120 -3.84 5.91 -5.00
C SER D 120 -5.20 6.44 -4.60
N SER D 121 -5.54 7.67 -4.94
CA SER D 121 -6.78 8.26 -4.37
C SER D 121 -6.75 8.46 -2.85
N ALA D 122 -5.62 8.21 -2.22
CA ALA D 122 -5.40 8.67 -0.87
C ALA D 122 -4.79 10.05 -1.03
N SER D 123 -5.12 10.98 -0.14
CA SER D 123 -4.63 12.34 -0.25
C SER D 123 -3.14 12.38 0.04
N THR D 124 -2.39 13.20 -0.66
CA THR D 124 -0.99 13.32 -0.33
C THR D 124 -0.82 13.91 1.06
N LYS D 125 0.28 13.58 1.72
CA LYS D 125 0.58 14.17 2.98
C LYS D 125 2.06 14.54 3.02
N GLY D 126 2.37 15.80 3.28
CA GLY D 126 3.74 16.26 3.31
C GLY D 126 4.48 15.93 4.59
N PRO D 127 5.81 15.90 4.52
CA PRO D 127 6.63 15.51 5.67
C PRO D 127 6.85 16.63 6.69
N SER D 128 7.03 16.27 7.96
CA SER D 128 7.63 17.19 8.94
C SER D 128 9.15 17.00 8.92
N VAL D 129 9.88 18.11 8.93
CA VAL D 129 11.33 18.02 8.88
C VAL D 129 11.92 18.48 10.20
N PHE D 130 12.72 17.62 10.81
CA PHE D 130 13.36 17.93 12.08
C PHE D 130 14.87 17.72 12.04
N PRO D 131 15.64 18.65 12.58
CA PRO D 131 17.09 18.44 12.58
C PRO D 131 17.51 17.31 13.51
N LEU D 132 18.43 16.46 13.06
CA LEU D 132 19.05 15.49 13.95
C LEU D 132 20.40 16.05 14.39
N ALA D 133 20.43 16.67 15.55
CA ALA D 133 21.63 17.33 16.02
C ALA D 133 22.65 16.36 16.58
N PRO D 134 23.92 16.55 16.21
CA PRO D 134 25.04 15.78 16.78
C PRO D 134 25.26 16.15 18.26
N THR D 143 35.45 12.67 14.20
CA THR D 143 34.53 13.32 13.28
C THR D 143 33.05 13.00 13.62
N ALA D 144 32.17 13.97 13.37
CA ALA D 144 30.78 13.89 13.82
C ALA D 144 29.74 13.61 12.73
N ALA D 145 28.54 13.20 13.15
CA ALA D 145 27.45 12.92 12.23
C ALA D 145 26.21 13.75 12.58
N LEU D 146 25.56 14.30 11.56
CA LEU D 146 24.35 15.08 11.76
C LEU D 146 23.35 14.83 10.64
N GLY D 147 22.08 15.16 10.85
CA GLY D 147 21.13 14.98 9.77
C GLY D 147 19.72 15.52 9.90
N CYS D 148 18.85 15.09 8.99
CA CYS D 148 17.46 15.50 8.94
C CYS D 148 16.54 14.30 9.02
N LEU D 149 15.50 14.43 9.84
CA LEU D 149 14.42 13.47 9.87
C LEU D 149 13.26 13.95 9.00
N VAL D 150 12.91 13.16 8.00
CA VAL D 150 11.82 13.52 7.10
C VAL D 150 10.62 12.64 7.42
N LYS D 151 9.71 13.16 8.24
CA LYS D 151 8.76 12.31 8.95
C LYS D 151 7.35 12.31 8.40
N ASP D 152 6.74 11.14 8.36
CA ASP D 152 5.31 10.96 8.06
C ASP D 152 4.80 11.56 6.74
N TYR D 153 5.25 11.05 5.61
CA TYR D 153 4.79 11.55 4.32
C TYR D 153 4.18 10.47 3.39
N PHE D 154 3.55 10.92 2.31
CA PHE D 154 2.96 10.01 1.33
C PHE D 154 2.63 10.75 0.03
N PRO D 155 3.02 10.18 -1.12
CA PRO D 155 3.75 8.92 -1.27
C PRO D 155 5.24 9.16 -1.44
N GLU D 156 6.04 8.13 -1.67
CA GLU D 156 7.43 8.31 -2.07
C GLU D 156 7.41 9.02 -3.43
N PRO D 157 8.53 9.66 -3.82
CA PRO D 157 9.77 9.82 -3.06
C PRO D 157 9.95 11.19 -2.41
N VAL D 158 11.10 11.35 -1.76
CA VAL D 158 11.49 12.62 -1.16
C VAL D 158 12.95 12.86 -1.56
N THR D 159 13.29 14.01 -2.12
CA THR D 159 14.70 14.22 -2.39
C THR D 159 15.30 15.10 -1.30
N VAL D 160 16.46 14.69 -0.80
CA VAL D 160 17.16 15.47 0.19
C VAL D 160 18.55 15.87 -0.31
N SER D 161 18.87 17.14 -0.20
CA SER D 161 20.22 17.60 -0.47
C SER D 161 20.73 18.47 0.67
N TRP D 162 22.03 18.69 0.69
CA TRP D 162 22.68 19.44 1.75
C TRP D 162 23.38 20.63 1.12
N ASN D 163 23.27 21.79 1.76
CA ASN D 163 23.84 23.05 1.26
C ASN D 163 23.61 23.20 -0.24
N SER D 164 22.38 22.88 -0.64
CA SER D 164 21.92 22.99 -2.03
C SER D 164 22.77 22.17 -2.98
N GLY D 165 23.33 21.07 -2.49
CA GLY D 165 24.16 20.23 -3.34
C GLY D 165 25.66 20.44 -3.19
N ALA D 166 26.05 21.49 -2.48
CA ALA D 166 27.46 21.76 -2.27
C ALA D 166 28.12 20.64 -1.45
N LEU D 167 27.34 19.91 -0.67
CA LEU D 167 27.90 18.86 0.17
C LEU D 167 27.31 17.52 -0.24
N THR D 168 28.12 16.67 -0.88
CA THR D 168 27.65 15.35 -1.29
C THR D 168 28.54 14.29 -0.66
N SER D 169 29.81 14.62 -0.45
CA SER D 169 30.72 13.66 0.15
C SER D 169 30.40 13.41 1.64
N GLY D 170 30.14 12.15 1.94
CA GLY D 170 29.86 11.71 3.30
C GLY D 170 28.37 11.67 3.59
N VAL D 171 27.57 11.95 2.57
CA VAL D 171 26.13 11.98 2.73
C VAL D 171 25.54 10.60 2.49
N HIS D 172 24.70 10.16 3.43
CA HIS D 172 23.96 8.91 3.24
C HIS D 172 22.49 9.15 3.53
N THR D 173 21.65 9.04 2.50
CA THR D 173 20.20 9.14 2.69
C THR D 173 19.61 7.76 2.75
N PHE D 174 19.09 7.38 3.91
CA PHE D 174 18.60 6.00 4.09
C PHE D 174 17.33 5.74 3.31
N PRO D 175 17.09 4.48 2.97
CA PRO D 175 15.79 4.19 2.38
C PRO D 175 14.67 4.50 3.38
N ALA D 176 13.48 4.85 2.89
CA ALA D 176 12.35 5.15 3.76
C ALA D 176 11.83 3.92 4.49
N VAL D 177 11.25 4.13 5.66
CA VAL D 177 10.47 3.09 6.32
C VAL D 177 9.01 3.31 5.95
N LEU D 178 8.27 2.22 5.79
CA LEU D 178 6.83 2.27 5.62
C LEU D 178 6.15 1.89 6.92
N GLN D 179 5.56 2.87 7.58
CA GLN D 179 4.91 2.62 8.86
C GLN D 179 3.62 1.81 8.66
N SER D 180 3.09 1.26 9.75
CA SER D 180 1.79 0.58 9.73
C SER D 180 0.63 1.48 9.34
N SER D 181 0.81 2.78 9.51
CA SER D 181 -0.21 3.75 9.19
C SER D 181 -0.27 4.01 7.70
N GLY D 182 0.76 3.57 6.98
CA GLY D 182 0.81 3.83 5.55
C GLY D 182 1.58 5.08 5.18
N LEU D 183 2.17 5.74 6.16
CA LEU D 183 3.06 6.87 5.89
C LEU D 183 4.54 6.48 5.86
N TYR D 184 5.36 7.24 5.13
CA TYR D 184 6.79 6.97 5.06
C TYR D 184 7.61 7.91 5.95
N SER D 185 8.80 7.44 6.35
CA SER D 185 9.77 8.30 7.03
C SER D 185 11.19 7.98 6.58
N LEU D 186 12.03 8.99 6.42
CA LEU D 186 13.43 8.70 6.21
C LEU D 186 14.32 9.70 6.92
N SER D 187 15.58 9.31 7.05
CA SER D 187 16.61 10.16 7.62
C SER D 187 17.68 10.32 6.57
N SER D 188 18.33 11.47 6.59
CA SER D 188 19.55 11.65 5.85
C SER D 188 20.65 12.05 6.83
N VAL D 189 21.79 11.40 6.75
CA VAL D 189 22.94 11.81 7.56
C VAL D 189 24.13 12.23 6.72
N VAL D 190 24.88 13.20 7.23
CA VAL D 190 26.14 13.56 6.61
C VAL D 190 27.20 13.52 7.70
N THR D 191 28.37 12.95 7.37
CA THR D 191 29.46 12.88 8.33
C THR D 191 30.48 13.98 8.06
N VAL D 192 30.77 14.74 9.11
CA VAL D 192 31.56 15.95 8.99
C VAL D 192 32.71 15.97 9.99
N PRO D 193 33.70 16.84 9.76
CA PRO D 193 34.75 17.06 10.76
C PRO D 193 34.21 17.70 12.02
N SER D 194 34.56 17.17 13.18
CA SER D 194 34.14 17.77 14.45
C SER D 194 34.61 19.22 14.54
N SER D 195 35.76 19.50 13.95
CA SER D 195 36.39 20.80 14.13
C SER D 195 35.56 21.94 13.53
N SER D 196 34.70 21.60 12.57
CA SER D 196 33.91 22.61 11.86
C SER D 196 32.46 22.73 12.39
N LEU D 197 32.25 22.40 13.65
CA LEU D 197 30.90 22.20 14.16
C LEU D 197 30.29 23.17 15.24
N GLY D 198 30.67 24.45 15.34
CA GLY D 198 31.75 25.06 14.61
C GLY D 198 31.43 26.35 13.88
N THR D 199 31.99 26.45 12.68
CA THR D 199 31.93 27.66 11.90
C THR D 199 31.25 27.44 10.55
N GLN D 200 31.03 26.18 10.20
CA GLN D 200 30.44 25.81 8.93
C GLN D 200 28.94 25.58 9.06
N THR D 201 28.17 26.15 8.15
CA THR D 201 26.72 26.03 8.17
C THR D 201 26.30 24.76 7.45
N TYR D 202 25.42 23.98 8.09
CA TYR D 202 24.88 22.76 7.48
C TYR D 202 23.36 22.90 7.34
N ILE D 203 22.94 23.11 6.11
CA ILE D 203 21.52 23.24 5.81
C ILE D 203 21.08 22.06 5.00
N CYS D 204 19.94 21.46 5.32
CA CYS D 204 19.46 20.40 4.45
C CYS D 204 18.17 20.79 3.70
N ASN D 205 18.12 20.46 2.42
CA ASN D 205 16.99 20.85 1.59
C ASN D 205 16.12 19.66 1.21
N VAL D 206 14.86 19.70 1.64
CA VAL D 206 13.95 18.57 1.46
C VAL D 206 12.83 18.87 0.48
N ASN D 207 12.56 17.92 -0.40
CA ASN D 207 11.58 18.12 -1.43
C ASN D 207 10.59 17.01 -1.50
N HIS D 208 9.31 17.33 -1.33
CA HIS D 208 8.28 16.34 -1.53
C HIS D 208 7.24 16.90 -2.47
N LYS D 209 7.42 16.64 -3.77
CA LYS D 209 6.64 17.29 -4.82
C LYS D 209 5.12 17.08 -4.82
N PRO D 210 4.62 15.88 -4.46
CA PRO D 210 3.16 15.75 -4.55
C PRO D 210 2.38 16.63 -3.56
N SER D 211 3.04 17.07 -2.49
CA SER D 211 2.43 17.90 -1.47
C SER D 211 2.99 19.30 -1.49
N ASN D 212 3.79 19.58 -2.52
CA ASN D 212 4.51 20.85 -2.67
C ASN D 212 5.26 21.24 -1.42
N THR D 213 5.94 20.29 -0.79
CA THR D 213 6.83 20.63 0.32
C THR D 213 8.22 21.02 -0.18
N LYS D 214 8.69 22.20 0.23
CA LYS D 214 10.05 22.67 0.00
C LYS D 214 10.56 23.29 1.31
N VAL D 215 11.34 22.52 2.07
CA VAL D 215 11.73 22.92 3.43
C VAL D 215 13.23 22.90 3.63
N ASP D 216 13.80 24.02 4.06
CA ASP D 216 15.19 24.08 4.49
C ASP D 216 15.30 23.97 6.01
N LYS D 217 16.27 23.23 6.51
CA LYS D 217 16.48 23.18 7.94
C LYS D 217 17.95 23.39 8.35
N LYS D 218 18.16 24.31 9.27
CA LYS D 218 19.49 24.55 9.78
C LYS D 218 19.74 23.51 10.86
N VAL D 219 20.88 22.82 10.77
CA VAL D 219 21.20 21.77 11.73
C VAL D 219 22.42 22.15 12.54
N GLU D 220 22.19 22.26 13.84
CA GLU D 220 23.19 22.76 14.78
C GLU D 220 23.33 21.85 15.98
N PRO D 221 24.49 21.90 16.64
CA PRO D 221 24.67 21.16 17.91
C PRO D 221 23.88 21.76 19.09
N ALA E 3 4.92 -15.29 -21.29
CA ALA E 3 5.87 -14.89 -20.26
C ALA E 3 7.09 -15.79 -20.31
N LEU E 4 8.23 -15.22 -19.92
CA LEU E 4 9.47 -15.96 -19.74
C LEU E 4 9.67 -16.22 -18.26
N THR E 5 10.28 -17.34 -17.91
CA THR E 5 10.39 -17.67 -16.50
C THR E 5 11.84 -17.76 -16.03
N GLN E 6 12.19 -16.95 -15.04
CA GLN E 6 13.52 -17.01 -14.47
C GLN E 6 13.46 -17.46 -13.02
N PRO E 7 14.58 -17.98 -12.51
CA PRO E 7 14.60 -18.28 -11.07
C PRO E 7 14.75 -16.96 -10.32
N PRO E 8 14.11 -16.79 -9.13
CA PRO E 8 14.27 -15.54 -8.40
C PRO E 8 15.72 -15.24 -8.02
N SER E 9 16.52 -16.25 -7.71
CA SER E 9 17.94 -16.01 -7.40
C SER E 9 18.86 -17.15 -7.81
N VAL E 10 20.10 -16.81 -8.15
CA VAL E 10 21.16 -17.80 -8.29
C VAL E 10 22.37 -17.34 -7.50
N SER E 11 23.26 -18.26 -7.15
CA SER E 11 24.45 -17.87 -6.40
C SER E 11 25.66 -18.67 -6.86
N GLY E 12 26.84 -18.07 -6.64
CA GLY E 12 28.10 -18.72 -6.95
C GLY E 12 29.20 -18.03 -6.16
N ALA E 13 30.40 -18.60 -6.17
CA ALA E 13 31.53 -18.00 -5.46
C ALA E 13 32.41 -17.25 -6.45
N PRO E 14 33.11 -16.20 -5.97
CA PRO E 14 33.90 -15.36 -6.89
C PRO E 14 34.95 -16.13 -7.69
N GLY E 15 34.88 -15.99 -9.01
CA GLY E 15 35.80 -16.65 -9.93
C GLY E 15 35.19 -17.82 -10.68
N GLN E 16 34.13 -18.39 -10.14
CA GLN E 16 33.52 -19.54 -10.81
C GLN E 16 32.47 -18.99 -11.76
N ARG E 17 31.65 -19.89 -12.32
CA ARG E 17 30.70 -19.52 -13.35
C ARG E 17 29.26 -19.67 -12.85
N VAL E 18 28.37 -18.73 -13.17
CA VAL E 18 26.95 -18.96 -12.94
C VAL E 18 26.11 -18.71 -14.19
N THR E 19 25.04 -19.46 -14.30
CA THR E 19 24.16 -19.34 -15.44
C THR E 19 22.75 -19.08 -14.93
N ILE E 20 22.06 -18.17 -15.63
CA ILE E 20 20.68 -17.85 -15.36
C ILE E 20 19.84 -18.37 -16.50
N PRO E 21 18.99 -19.34 -16.22
CA PRO E 21 18.10 -19.84 -17.28
C PRO E 21 16.91 -18.92 -17.52
N CYS E 22 16.42 -18.94 -18.75
CA CYS E 22 15.23 -18.19 -19.13
C CYS E 22 14.41 -19.09 -20.02
N THR E 23 13.29 -19.62 -19.55
CA THR E 23 12.58 -20.53 -20.45
C THR E 23 11.23 -19.92 -20.79
N GLY E 24 10.88 -20.01 -22.07
CA GLY E 24 9.60 -19.50 -22.57
C GLY E 24 8.84 -20.59 -23.28
N GLY E 25 8.13 -20.22 -24.34
CA GLY E 25 7.35 -21.22 -25.05
C GLY E 25 7.47 -21.10 -26.55
N SER E 26 6.59 -21.81 -27.23
CA SER E 26 6.62 -21.90 -28.69
C SER E 26 6.31 -20.59 -29.40
N SER E 27 5.80 -19.60 -28.69
CA SER E 27 5.41 -18.37 -29.38
C SER E 27 6.38 -17.24 -29.14
N ASN E 28 7.44 -17.52 -28.39
CA ASN E 28 8.53 -16.56 -28.22
C ASN E 28 9.88 -17.23 -28.47
N ILE E 29 10.57 -17.62 -27.40
CA ILE E 29 11.91 -18.20 -27.54
C ILE E 29 11.94 -19.43 -28.46
N GLY E 30 10.96 -20.31 -28.29
CA GLY E 30 10.85 -21.50 -29.12
C GLY E 30 10.58 -21.16 -30.57
N ALA E 31 10.03 -19.97 -30.84
CA ALA E 31 9.75 -19.59 -32.22
C ALA E 31 11.00 -19.07 -32.92
N GLY E 32 12.09 -18.90 -32.18
CA GLY E 32 13.36 -18.50 -32.77
C GLY E 32 13.80 -17.06 -32.58
N TYR E 33 12.99 -16.28 -31.87
CA TYR E 33 13.33 -14.88 -31.64
C TYR E 33 14.51 -14.73 -30.70
N SER E 34 15.26 -13.67 -30.87
CA SER E 34 16.41 -13.40 -30.01
C SER E 34 16.00 -13.23 -28.56
N VAL E 35 16.98 -13.36 -27.68
CA VAL E 35 16.78 -13.11 -26.26
C VAL E 35 17.76 -12.05 -25.78
N HIS E 36 17.24 -10.94 -25.29
CA HIS E 36 18.09 -9.87 -24.78
C HIS E 36 18.25 -9.97 -23.28
N TRP E 37 19.29 -9.35 -22.75
CA TRP E 37 19.52 -9.37 -21.31
C TRP E 37 19.82 -7.98 -20.80
N TYR E 38 19.26 -7.66 -19.64
CA TYR E 38 19.48 -6.39 -18.99
C TYR E 38 19.95 -6.59 -17.56
N GLN E 39 20.84 -5.72 -17.13
CA GLN E 39 21.35 -5.75 -15.76
C GLN E 39 20.79 -4.58 -14.99
N GLN E 40 20.29 -4.84 -13.79
CA GLN E 40 19.86 -3.74 -12.93
C GLN E 40 20.59 -3.72 -11.59
N LEU E 41 21.49 -2.76 -11.43
CA LEU E 41 22.11 -2.47 -10.15
C LEU E 41 21.08 -1.89 -9.18
N PRO E 42 21.18 -2.30 -7.90
CA PRO E 42 20.28 -1.96 -6.80
C PRO E 42 19.54 -0.63 -6.89
N GLY E 43 20.22 0.50 -7.01
CA GLY E 43 19.44 1.70 -6.91
C GLY E 43 19.05 2.32 -8.24
N THR E 44 19.46 1.68 -9.32
CA THR E 44 19.50 2.36 -10.61
C THR E 44 18.57 1.74 -11.65
N ALA E 45 18.45 2.41 -12.79
CA ALA E 45 17.64 1.89 -13.88
C ALA E 45 18.33 0.67 -14.49
N PRO E 46 17.57 -0.14 -15.24
CA PRO E 46 18.26 -1.21 -15.96
C PRO E 46 19.23 -0.66 -17.00
N LYS E 47 20.08 -1.55 -17.48
CA LYS E 47 21.05 -1.20 -18.50
C LYS E 47 21.12 -2.38 -19.46
N LEU E 48 21.20 -2.10 -20.77
CA LEU E 48 21.38 -3.16 -21.77
C LEU E 48 22.68 -3.93 -21.58
N LEU E 49 22.57 -5.26 -21.53
CA LEU E 49 23.72 -6.13 -21.25
C LEU E 49 24.13 -6.96 -22.48
N ILE E 50 23.16 -7.62 -23.08
CA ILE E 50 23.37 -8.45 -24.26
C ILE E 50 22.17 -8.40 -25.18
N TYR E 51 22.39 -8.18 -26.47
CA TYR E 51 21.30 -8.30 -27.43
C TYR E 51 21.63 -9.11 -28.68
N GLY E 52 20.59 -9.46 -29.43
CA GLY E 52 20.75 -10.28 -30.62
C GLY E 52 21.24 -11.67 -30.26
N SER E 53 22.31 -12.09 -30.93
CA SER E 53 22.89 -13.39 -30.62
C SER E 53 24.23 -13.17 -29.96
N ASN E 54 24.19 -12.87 -28.66
CA ASN E 54 25.40 -12.67 -27.90
C ASN E 54 26.19 -11.48 -28.44
N SER E 55 25.52 -10.33 -28.54
CA SER E 55 26.16 -9.10 -28.99
C SER E 55 26.16 -8.04 -27.87
N ARG E 56 27.35 -7.71 -27.39
CA ARG E 56 27.53 -6.90 -26.20
C ARG E 56 27.75 -5.44 -26.54
N PRO E 57 26.98 -4.53 -25.90
CA PRO E 57 27.27 -3.11 -26.09
C PRO E 57 28.61 -2.75 -25.46
N SER E 58 29.20 -1.63 -25.87
CA SER E 58 30.51 -1.23 -25.36
C SER E 58 30.49 -0.99 -23.85
N GLY E 59 31.36 -1.65 -23.12
CA GLY E 59 31.43 -1.44 -21.69
C GLY E 59 31.03 -2.70 -20.99
N VAL E 60 30.47 -3.63 -21.78
CA VAL E 60 30.16 -4.97 -21.32
C VAL E 60 31.33 -5.90 -21.57
N PRO E 61 31.83 -6.54 -20.51
CA PRO E 61 33.00 -7.42 -20.60
C PRO E 61 32.68 -8.75 -21.31
N ASP E 62 33.75 -9.44 -21.73
CA ASP E 62 33.67 -10.75 -22.36
C ASP E 62 32.97 -11.78 -21.46
N ARG E 63 33.11 -11.61 -20.14
CA ARG E 63 32.65 -12.56 -19.14
C ARG E 63 31.17 -12.84 -19.17
N PHE E 64 30.41 -11.94 -19.79
CA PHE E 64 28.96 -12.07 -19.92
C PHE E 64 28.65 -12.68 -21.27
N SER E 65 27.90 -13.76 -21.28
CA SER E 65 27.75 -14.51 -22.51
C SER E 65 26.36 -15.11 -22.56
N GLY E 66 25.72 -15.03 -23.72
CA GLY E 66 24.39 -15.57 -23.86
C GLY E 66 24.31 -16.71 -24.87
N SER E 67 23.49 -17.71 -24.57
CA SER E 67 23.11 -18.72 -25.54
C SER E 67 21.61 -18.98 -25.46
N LYS E 68 21.18 -19.93 -26.29
CA LYS E 68 19.77 -20.17 -26.57
C LYS E 68 19.64 -21.55 -27.23
N SER E 69 18.68 -22.32 -26.74
CA SER E 69 18.42 -23.65 -27.28
C SER E 69 16.96 -24.05 -27.07
N GLY E 70 16.19 -24.16 -28.15
CA GLY E 70 14.80 -24.57 -28.04
C GLY E 70 13.97 -23.47 -27.40
N THR E 71 13.35 -23.78 -26.26
CA THR E 71 12.50 -22.79 -25.59
C THR E 71 13.19 -22.10 -24.45
N SER E 72 14.49 -22.36 -24.28
CA SER E 72 15.18 -21.73 -23.16
C SER E 72 16.45 -21.02 -23.58
N ALA E 73 16.75 -19.96 -22.84
CA ALA E 73 17.96 -19.19 -23.08
C ALA E 73 18.72 -19.13 -21.76
N SER E 74 19.96 -18.66 -21.84
CA SER E 74 20.85 -18.75 -20.70
C SER E 74 21.83 -17.60 -20.68
N LEU E 75 21.95 -16.90 -19.55
CA LEU E 75 22.98 -15.91 -19.40
C LEU E 75 24.09 -16.53 -18.58
N ALA E 76 25.29 -16.59 -19.13
CA ALA E 76 26.41 -17.10 -18.36
C ALA E 76 27.30 -15.96 -17.93
N ILE E 77 27.66 -15.97 -16.65
CA ILE E 77 28.61 -15.01 -16.13
C ILE E 77 29.80 -15.78 -15.61
N THR E 78 30.91 -15.72 -16.33
CA THR E 78 32.12 -16.38 -15.87
C THR E 78 33.00 -15.40 -15.10
N GLY E 79 33.95 -15.91 -14.34
CA GLY E 79 34.83 -15.05 -13.56
C GLY E 79 34.06 -14.13 -12.66
N LEU E 80 33.11 -14.69 -11.90
CA LEU E 80 32.27 -13.95 -10.95
C LEU E 80 33.01 -12.99 -10.04
N ARG E 81 32.55 -11.76 -10.07
CA ARG E 81 33.04 -10.71 -9.19
C ARG E 81 31.91 -10.17 -8.35
N PRO E 82 32.24 -9.67 -7.15
CA PRO E 82 31.23 -9.14 -6.24
C PRO E 82 30.41 -8.05 -6.91
N GLU E 83 30.99 -7.31 -7.85
CA GLU E 83 30.27 -6.26 -8.56
C GLU E 83 29.26 -6.77 -9.55
N ASP E 84 29.10 -8.08 -9.63
CA ASP E 84 28.13 -8.66 -10.55
C ASP E 84 26.80 -8.77 -9.85
N GLU E 85 26.82 -8.51 -8.55
CA GLU E 85 25.61 -8.60 -7.78
C GLU E 85 24.57 -7.59 -8.25
N ALA E 86 23.57 -8.08 -8.96
CA ALA E 86 22.52 -7.27 -9.55
C ALA E 86 21.36 -8.15 -9.91
N ASP E 87 20.31 -7.54 -10.45
CA ASP E 87 19.17 -8.30 -10.96
C ASP E 87 19.29 -8.38 -12.49
N TYR E 88 19.10 -9.57 -13.05
CA TYR E 88 19.21 -9.70 -14.48
C TYR E 88 17.87 -10.11 -15.07
N TYR E 89 17.45 -9.40 -16.11
CA TYR E 89 16.17 -9.64 -16.78
C TYR E 89 16.34 -10.10 -18.21
N CYS E 90 15.63 -11.14 -18.64
CA CYS E 90 15.68 -11.53 -20.03
C CYS E 90 14.46 -11.00 -20.74
N GLN E 91 14.60 -10.71 -22.02
CA GLN E 91 13.53 -10.17 -22.84
C GLN E 91 13.47 -10.95 -24.15
N SER E 92 12.28 -11.05 -24.73
CA SER E 92 12.11 -11.57 -26.09
C SER E 92 10.84 -11.06 -26.74
N TYR E 93 10.55 -11.54 -27.94
CA TYR E 93 9.33 -11.15 -28.65
C TYR E 93 8.34 -12.31 -28.65
N ASP E 94 7.05 -12.02 -28.47
CA ASP E 94 6.03 -13.06 -28.51
C ASP E 94 5.00 -12.74 -29.59
N SER E 95 4.72 -13.71 -30.46
CA SER E 95 4.00 -13.42 -31.70
C SER E 95 2.47 -13.45 -31.58
N SER E 96 1.97 -13.72 -30.37
CA SER E 96 0.55 -13.59 -30.09
C SER E 96 0.05 -12.16 -30.28
N LEU E 97 -1.12 -12.03 -30.93
CA LEU E 97 -1.91 -10.79 -30.89
C LEU E 97 -1.17 -9.55 -31.35
N SER E 98 -0.69 -9.54 -32.60
CA SER E 98 0.05 -8.38 -33.14
C SER E 98 1.40 -8.16 -32.41
N GLY E 99 1.75 -9.06 -31.49
CA GLY E 99 3.09 -9.09 -30.93
C GLY E 99 3.29 -8.26 -29.68
N SER E 100 4.25 -8.68 -28.85
CA SER E 100 4.56 -7.95 -27.63
C SER E 100 6.01 -8.19 -27.22
N GLN E 101 6.65 -7.16 -26.68
CA GLN E 101 7.91 -7.34 -26.01
C GLN E 101 7.60 -8.03 -24.71
N VAL E 102 8.42 -8.98 -24.32
CA VAL E 102 8.08 -9.83 -23.20
C VAL E 102 9.32 -10.00 -22.31
N PHE E 103 9.13 -10.01 -21.01
CA PHE E 103 10.26 -9.98 -20.08
C PHE E 103 10.17 -11.07 -19.00
N GLY E 104 11.31 -11.47 -18.45
CA GLY E 104 11.33 -12.29 -17.25
C GLY E 104 11.14 -11.47 -15.98
N ALA E 105 11.01 -12.15 -14.85
CA ALA E 105 10.76 -11.46 -13.59
C ALA E 105 12.06 -11.07 -12.85
N GLY E 106 13.19 -11.39 -13.46
CA GLY E 106 14.48 -11.01 -12.90
C GLY E 106 15.04 -12.08 -12.01
N THR E 107 16.35 -12.21 -12.05
CA THR E 107 17.08 -13.16 -11.22
C THR E 107 18.13 -12.37 -10.45
N ARG E 108 18.22 -12.58 -9.14
CA ARG E 108 19.22 -11.89 -8.37
C ARG E 108 20.49 -12.74 -8.28
N VAL E 109 21.61 -12.20 -8.72
CA VAL E 109 22.87 -12.92 -8.58
C VAL E 109 23.53 -12.57 -7.25
N THR E 110 23.77 -13.59 -6.44
CA THR E 110 24.43 -13.40 -5.16
C THR E 110 25.82 -13.95 -5.29
N VAL E 111 26.80 -13.18 -4.81
CA VAL E 111 28.18 -13.65 -4.80
C VAL E 111 28.54 -14.10 -3.39
N LEU E 112 29.08 -15.30 -3.28
CA LEU E 112 29.10 -16.03 -2.03
C LEU E 112 30.34 -15.88 -1.17
N GLY E 113 31.46 -15.45 -1.74
CA GLY E 113 32.68 -15.37 -0.94
C GLY E 113 32.93 -14.07 -0.17
N GLN E 114 31.99 -13.63 0.67
CA GLN E 114 32.07 -12.23 1.01
C GLN E 114 32.22 -11.99 2.51
N PRO E 115 33.17 -11.13 2.89
CA PRO E 115 33.53 -11.03 4.31
C PRO E 115 32.48 -10.30 5.11
N LYS E 116 32.28 -10.79 6.34
CA LYS E 116 31.38 -10.19 7.29
C LYS E 116 31.74 -8.72 7.55
N ALA E 117 30.76 -7.84 7.45
CA ALA E 117 30.94 -6.44 7.88
C ALA E 117 29.98 -6.16 9.02
N ASN E 118 30.45 -5.44 10.03
CA ASN E 118 29.64 -5.16 11.22
C ASN E 118 28.87 -3.86 11.15
N PRO E 119 27.70 -3.82 11.81
CA PRO E 119 26.81 -2.65 11.81
C PRO E 119 27.49 -1.43 12.37
N THR E 120 27.36 -0.33 11.64
CA THR E 120 27.63 0.97 12.18
C THR E 120 26.28 1.54 12.64
N VAL E 121 26.20 1.92 13.91
CA VAL E 121 24.94 2.36 14.49
C VAL E 121 25.00 3.79 15.01
N THR E 122 24.12 4.63 14.48
CA THR E 122 24.03 5.99 14.97
C THR E 122 22.64 6.23 15.56
N LEU E 123 22.60 6.67 16.82
CA LEU E 123 21.31 6.89 17.49
C LEU E 123 21.16 8.37 17.78
N PHE E 124 19.98 8.91 17.49
CA PHE E 124 19.69 10.34 17.69
C PHE E 124 18.48 10.53 18.60
N PRO E 125 18.57 11.51 19.52
CA PRO E 125 17.48 11.86 20.40
C PRO E 125 16.50 12.77 19.68
N PRO E 126 15.33 13.03 20.28
CA PRO E 126 14.45 13.97 19.59
C PRO E 126 14.99 15.40 19.63
N SER E 127 14.66 16.16 18.61
CA SER E 127 15.04 17.56 18.55
C SER E 127 14.22 18.42 19.45
N SER E 128 14.75 19.60 19.76
CA SER E 128 14.00 20.58 20.50
C SER E 128 12.74 20.98 19.74
N GLU E 129 12.84 21.11 18.42
CA GLU E 129 11.68 21.51 17.63
C GLU E 129 10.53 20.51 17.70
N GLU E 130 10.85 19.22 17.58
CA GLU E 130 9.84 18.17 17.64
C GLU E 130 9.24 18.07 19.03
N LEU E 131 10.11 18.16 20.03
CA LEU E 131 9.71 18.16 21.44
C LEU E 131 8.71 19.27 21.78
N GLN E 132 8.90 20.46 21.24
CA GLN E 132 7.93 21.49 21.55
C GLN E 132 6.70 21.42 20.68
N ALA E 133 6.66 20.44 19.77
CA ALA E 133 5.43 20.16 19.06
C ALA E 133 4.72 18.98 19.73
N ASN E 134 5.18 18.62 20.92
CA ASN E 134 4.64 17.49 21.68
C ASN E 134 4.67 16.17 20.93
N LYS E 135 5.76 15.95 20.19
CA LYS E 135 6.09 14.67 19.56
C LYS E 135 7.52 14.30 20.00
N ALA E 136 7.93 13.08 19.73
CA ALA E 136 9.32 12.66 19.97
C ALA E 136 9.66 11.43 19.16
N THR E 137 10.85 11.40 18.58
CA THR E 137 11.28 10.26 17.80
C THR E 137 12.76 9.96 17.99
N LEU E 138 13.08 8.77 18.47
CA LEU E 138 14.46 8.33 18.52
C LEU E 138 14.76 7.72 17.19
N VAL E 139 15.89 8.06 16.61
CA VAL E 139 16.22 7.54 15.29
C VAL E 139 17.49 6.71 15.35
N CYS E 140 17.37 5.44 15.00
CA CYS E 140 18.51 4.51 14.98
C CYS E 140 18.89 4.08 13.56
N LEU E 141 20.11 4.40 13.14
CA LEU E 141 20.52 4.13 11.76
C LEU E 141 21.62 3.07 11.66
N ILE E 142 21.39 2.06 10.84
CA ILE E 142 22.34 0.98 10.73
C ILE E 142 22.88 0.96 9.29
N SER E 143 24.19 1.04 9.14
CA SER E 143 24.79 1.10 7.82
C SER E 143 25.97 0.16 7.73
N ASP E 144 26.28 -0.27 6.50
CA ASP E 144 27.47 -1.09 6.19
C ASP E 144 27.62 -2.39 6.93
N PHE E 145 26.65 -3.27 6.84
CA PHE E 145 26.81 -4.61 7.41
C PHE E 145 26.56 -5.70 6.38
N TYR E 146 27.16 -6.85 6.62
CA TYR E 146 26.93 -8.00 5.75
C TYR E 146 27.09 -9.26 6.57
N PRO E 147 26.18 -10.23 6.39
CA PRO E 147 25.02 -10.16 5.50
C PRO E 147 23.87 -9.33 6.07
N GLY E 148 22.85 -9.09 5.24
CA GLY E 148 21.80 -8.15 5.54
C GLY E 148 20.65 -8.71 6.34
N ALA E 149 20.93 -9.10 7.57
CA ALA E 149 19.92 -9.58 8.49
C ALA E 149 20.23 -9.03 9.88
N VAL E 150 19.33 -8.21 10.43
CA VAL E 150 19.51 -7.70 11.79
C VAL E 150 18.21 -7.78 12.55
N THR E 151 18.30 -7.83 13.87
CA THR E 151 17.12 -7.56 14.66
C THR E 151 17.45 -6.35 15.53
N VAL E 152 16.50 -5.45 15.63
CA VAL E 152 16.63 -4.24 16.42
C VAL E 152 15.67 -4.29 17.60
N ALA E 153 16.18 -4.03 18.79
CA ALA E 153 15.34 -3.99 19.97
C ALA E 153 15.57 -2.67 20.69
N TRP E 154 14.49 -1.96 20.99
CA TRP E 154 14.59 -0.72 21.74
C TRP E 154 14.45 -0.96 23.24
N LYS E 155 15.25 -0.28 24.04
CA LYS E 155 15.15 -0.42 25.49
C LYS E 155 14.92 0.93 26.16
N ALA E 156 14.12 0.94 27.22
CA ALA E 156 13.89 2.13 28.05
C ALA E 156 14.28 1.82 29.49
N ASP E 157 15.36 2.45 29.97
CA ASP E 157 15.96 2.09 31.26
C ASP E 157 16.23 0.60 31.32
N GLY E 158 16.74 0.04 30.23
CA GLY E 158 17.09 -1.36 30.20
C GLY E 158 15.91 -2.31 30.05
N SER E 159 14.70 -1.77 30.09
CA SER E 159 13.51 -2.57 29.87
C SER E 159 12.97 -2.38 28.45
N PRO E 160 12.60 -3.49 27.78
CA PRO E 160 12.23 -3.45 26.36
C PRO E 160 10.99 -2.60 26.09
N VAL E 161 10.96 -1.91 24.96
CA VAL E 161 9.72 -1.25 24.59
C VAL E 161 9.21 -1.84 23.25
N LYS E 162 7.97 -2.34 23.28
CA LYS E 162 7.49 -3.27 22.27
C LYS E 162 6.37 -2.70 21.42
N ALA E 163 6.21 -1.38 21.40
CA ALA E 163 5.24 -0.76 20.52
C ALA E 163 5.69 0.65 20.24
N GLY E 164 5.17 1.22 19.15
CA GLY E 164 5.66 2.50 18.68
C GLY E 164 6.98 2.37 17.92
N VAL E 165 7.42 1.15 17.63
CA VAL E 165 8.63 0.92 16.84
C VAL E 165 8.29 0.71 15.38
N GLU E 166 9.10 1.30 14.50
CA GLU E 166 8.94 1.19 13.07
C GLU E 166 10.30 0.92 12.47
N THR E 167 10.50 -0.26 11.92
CA THR E 167 11.83 -0.68 11.47
C THR E 167 11.86 -1.11 10.02
N THR E 168 12.89 -0.75 9.28
CA THR E 168 12.99 -1.19 7.89
C THR E 168 13.54 -2.60 7.81
N THR E 169 13.35 -3.24 6.65
CA THR E 169 14.11 -4.43 6.35
C THR E 169 15.33 -3.96 5.54
N PRO E 170 16.47 -4.66 5.68
CA PRO E 170 17.72 -4.21 5.04
C PRO E 170 17.63 -4.07 3.52
N SER E 171 18.26 -3.03 2.99
CA SER E 171 18.35 -2.86 1.55
C SER E 171 19.82 -2.74 1.15
N LYS E 172 20.19 -3.31 0.00
CA LYS E 172 21.58 -3.32 -0.43
C LYS E 172 22.07 -1.93 -0.84
N GLN E 173 23.29 -1.59 -0.42
CA GLN E 173 23.81 -0.29 -0.74
C GLN E 173 24.56 -0.45 -2.05
N SER E 174 25.27 0.59 -2.50
CA SER E 174 25.98 0.50 -3.76
C SER E 174 27.28 -0.29 -3.63
N ASN E 175 27.73 -0.51 -2.39
CA ASN E 175 29.02 -1.20 -2.20
C ASN E 175 28.82 -2.62 -1.68
N ASN E 176 27.63 -3.18 -1.93
CA ASN E 176 27.26 -4.56 -1.59
C ASN E 176 27.13 -4.86 -0.11
N LYS E 177 27.08 -3.84 0.73
CA LYS E 177 26.74 -4.06 2.14
C LYS E 177 25.30 -3.57 2.37
N TYR E 178 24.75 -3.78 3.57
CA TYR E 178 23.35 -3.45 3.76
C TYR E 178 23.13 -2.25 4.69
N ALA E 179 22.01 -1.58 4.53
CA ALA E 179 21.61 -0.50 5.42
C ALA E 179 20.21 -0.77 5.95
N ALA E 180 19.92 -0.23 7.13
CA ALA E 180 18.60 -0.38 7.75
C ALA E 180 18.42 0.68 8.80
N SER E 181 17.18 0.91 9.21
CA SER E 181 16.89 1.96 10.18
C SER E 181 15.67 1.62 11.01
N SER E 182 15.66 2.11 12.24
CA SER E 182 14.55 1.86 13.16
C SER E 182 14.13 3.18 13.84
N TYR E 183 12.81 3.33 14.01
CA TYR E 183 12.22 4.55 14.55
C TYR E 183 11.35 4.27 15.77
N LEU E 184 11.65 4.93 16.87
CA LEU E 184 10.83 4.75 18.06
C LEU E 184 10.00 6.00 18.36
N SER E 185 8.67 5.83 18.37
CA SER E 185 7.77 6.91 18.73
C SER E 185 7.56 6.93 20.25
N LEU E 186 7.70 8.14 20.81
CA LEU E 186 7.59 8.40 22.23
C LEU E 186 6.67 9.58 22.48
N THR E 187 6.27 9.78 23.73
CA THR E 187 5.72 11.07 24.14
C THR E 187 6.86 11.85 24.78
N PRO E 188 6.80 13.18 24.75
CA PRO E 188 7.84 13.98 25.41
C PRO E 188 8.00 13.66 26.88
N GLU E 189 6.90 13.41 27.58
CA GLU E 189 6.96 13.12 29.02
C GLU E 189 7.59 11.76 29.25
N GLN E 190 7.43 10.84 28.30
CA GLN E 190 8.13 9.57 28.35
C GLN E 190 9.62 9.73 28.18
N TRP E 191 10.01 10.58 27.25
CA TRP E 191 11.42 10.81 26.95
C TRP E 191 12.10 11.44 28.15
N LYS E 192 11.43 12.41 28.76
CA LYS E 192 11.98 13.15 29.88
C LYS E 192 11.91 12.34 31.17
N SER E 193 11.11 11.28 31.21
CA SER E 193 10.98 10.48 32.44
C SER E 193 12.14 9.55 32.73
N HIS E 194 12.54 8.76 31.75
CA HIS E 194 13.54 7.70 31.95
C HIS E 194 14.96 8.25 32.01
N ARG E 195 15.88 7.47 32.56
CA ARG E 195 17.27 7.91 32.64
C ARG E 195 17.86 7.88 31.22
N SER E 196 17.47 6.88 30.44
CA SER E 196 17.96 6.78 29.07
C SER E 196 17.20 5.76 28.21
N TYR E 197 17.32 5.91 26.90
CA TYR E 197 16.79 4.92 25.97
C TYR E 197 17.92 4.30 25.19
N SER E 198 17.76 3.03 24.86
CA SER E 198 18.81 2.34 24.15
C SER E 198 18.29 1.67 22.89
N CYS E 199 19.10 1.73 21.85
CA CYS E 199 18.90 1.01 20.60
C CYS E 199 19.80 -0.21 20.57
N GLN E 200 19.22 -1.40 20.54
CA GLN E 200 20.03 -2.62 20.50
C GLN E 200 19.98 -3.30 19.14
N VAL E 201 21.14 -3.40 18.49
CA VAL E 201 21.24 -4.06 17.20
C VAL E 201 22.02 -5.38 17.29
N THR E 202 21.38 -6.44 16.83
CA THR E 202 21.95 -7.76 16.84
C THR E 202 22.26 -8.18 15.41
N HIS E 203 23.51 -8.51 15.16
CA HIS E 203 23.90 -8.91 13.82
C HIS E 203 24.92 -10.01 13.89
N GLU E 204 24.58 -11.16 13.32
CA GLU E 204 25.45 -12.35 13.33
C GLU E 204 25.91 -12.67 14.75
N GLY E 205 24.96 -12.79 15.66
CA GLY E 205 25.22 -13.26 17.00
C GLY E 205 25.92 -12.28 17.91
N SER E 206 26.22 -11.09 17.40
CA SER E 206 26.85 -10.05 18.23
C SER E 206 25.92 -8.87 18.33
N THR E 207 25.72 -8.37 19.54
CA THR E 207 24.83 -7.23 19.77
C THR E 207 25.61 -5.95 20.06
N VAL E 208 25.27 -4.87 19.37
CA VAL E 208 25.82 -3.56 19.64
C VAL E 208 24.75 -2.60 20.18
N GLU E 209 25.02 -1.93 21.30
CA GLU E 209 24.02 -1.05 21.90
C GLU E 209 24.46 0.42 21.82
N LYS E 210 23.61 1.29 21.29
CA LYS E 210 23.81 2.73 21.46
C LYS E 210 22.73 3.30 22.38
N THR E 211 23.08 4.37 23.07
CA THR E 211 22.19 4.95 24.06
C THR E 211 22.19 6.47 23.92
N VAL E 212 21.05 7.09 24.18
CA VAL E 212 20.94 8.55 24.28
C VAL E 212 20.16 8.89 25.56
N ALA E 213 20.20 10.15 25.97
CA ALA E 213 19.52 10.60 27.19
C ALA E 213 18.97 12.02 27.04
N PRO E 214 18.01 12.41 27.90
CA PRO E 214 17.56 13.80 27.86
C PRO E 214 18.64 14.75 28.38
N LYS F 7 -3.41 -13.01 -40.53
CA LYS F 7 -3.79 -11.69 -41.06
C LYS F 7 -2.76 -11.22 -42.11
N PRO F 8 -3.22 -10.69 -43.26
CA PRO F 8 -2.27 -10.34 -44.34
C PRO F 8 -1.39 -9.13 -44.08
N LEU F 9 -0.27 -9.07 -44.79
CA LEU F 9 0.57 -7.89 -44.80
C LEU F 9 0.15 -7.01 -45.97
N ILE F 10 -0.48 -5.90 -45.66
CA ILE F 10 -0.93 -4.95 -46.67
C ILE F 10 0.11 -3.87 -46.92
N LEU F 11 1.00 -4.09 -47.89
CA LEU F 11 1.84 -2.98 -48.33
C LEU F 11 0.87 -1.98 -48.92
N ARG F 12 1.16 -0.69 -48.80
CA ARG F 12 0.13 0.24 -49.26
C ARG F 12 0.53 0.72 -50.63
N ASP F 13 1.46 1.67 -50.61
CA ASP F 13 2.07 2.22 -51.81
C ASP F 13 3.53 1.89 -51.71
N CYS F 14 3.85 0.98 -50.80
CA CYS F 14 5.22 0.54 -50.60
C CYS F 14 5.46 -0.76 -51.36
N SER F 15 6.67 -0.93 -51.85
CA SER F 15 7.03 -2.14 -52.58
C SER F 15 7.77 -3.14 -51.71
N VAL F 16 8.00 -4.35 -52.22
CA VAL F 16 8.80 -5.30 -51.46
C VAL F 16 10.20 -4.73 -51.26
N ALA F 17 10.77 -4.15 -52.32
CA ALA F 17 12.07 -3.50 -52.22
C ALA F 17 12.06 -2.33 -51.24
N GLY F 18 11.04 -1.48 -51.30
CA GLY F 18 10.93 -0.36 -50.39
C GLY F 18 10.87 -0.82 -48.94
N TRP F 19 10.06 -1.84 -48.70
CA TRP F 19 9.93 -2.42 -47.38
C TRP F 19 11.24 -3.02 -46.88
N LEU F 20 11.83 -3.95 -47.61
CA LEU F 20 13.00 -4.65 -47.10
C LEU F 20 14.22 -3.76 -46.97
N LEU F 21 14.33 -2.75 -47.83
CA LEU F 21 15.42 -1.80 -47.73
C LEU F 21 15.14 -0.79 -46.63
N GLY F 22 13.87 -0.48 -46.41
CA GLY F 22 13.51 0.45 -45.34
C GLY F 22 13.47 1.87 -45.83
N ASN F 23 12.82 2.09 -46.96
CA ASN F 23 12.55 3.41 -47.48
C ASN F 23 11.80 4.19 -46.40
N PRO F 24 12.27 5.41 -46.10
CA PRO F 24 11.56 6.25 -45.12
C PRO F 24 10.09 6.54 -45.44
N MET F 25 9.64 6.32 -46.67
CA MET F 25 8.21 6.43 -46.97
C MET F 25 7.44 5.20 -46.51
N CYS F 26 8.19 4.13 -46.22
CA CYS F 26 7.60 2.88 -45.80
C CYS F 26 7.77 2.64 -44.29
N ASP F 27 7.70 3.69 -43.50
CA ASP F 27 7.91 3.53 -42.05
C ASP F 27 6.82 2.71 -41.37
N GLU F 28 5.68 2.53 -42.05
CA GLU F 28 4.62 1.70 -41.50
C GLU F 28 5.13 0.26 -41.30
N PHE F 29 6.14 -0.12 -42.05
CA PHE F 29 6.62 -1.50 -42.08
C PHE F 29 8.01 -1.68 -41.50
N ILE F 30 8.41 -0.75 -40.64
CA ILE F 30 9.63 -0.89 -39.87
C ILE F 30 9.60 -2.17 -39.06
N ASN F 31 8.46 -2.44 -38.46
CA ASN F 31 8.27 -3.76 -37.86
C ASN F 31 6.89 -4.30 -38.16
N VAL F 32 6.91 -5.52 -38.70
CA VAL F 32 5.77 -6.14 -39.29
C VAL F 32 5.45 -7.44 -38.56
N PRO F 33 4.24 -7.57 -38.03
CA PRO F 33 3.88 -8.84 -37.37
C PRO F 33 3.76 -9.98 -38.39
N GLU F 34 3.63 -11.20 -37.90
CA GLU F 34 3.45 -12.36 -38.76
C GLU F 34 2.31 -12.13 -39.77
N TRP F 35 2.51 -12.60 -41.00
CA TRP F 35 1.51 -12.47 -42.05
C TRP F 35 1.14 -13.82 -42.65
N SER F 36 -0.03 -13.89 -43.26
CA SER F 36 -0.42 -15.05 -44.02
C SER F 36 0.14 -14.91 -45.43
N TYR F 37 -0.25 -13.84 -46.10
CA TYR F 37 0.29 -13.54 -47.41
C TYR F 37 0.51 -12.05 -47.52
N ILE F 38 1.09 -11.62 -48.63
CA ILE F 38 1.46 -10.23 -48.84
C ILE F 38 0.64 -9.62 -49.97
N VAL F 39 0.05 -8.46 -49.71
CA VAL F 39 -0.71 -7.76 -50.74
C VAL F 39 0.07 -6.56 -51.25
N GLU F 40 0.57 -6.66 -52.47
CA GLU F 40 1.35 -5.57 -53.07
C GLU F 40 0.58 -4.98 -54.24
N LYS F 41 0.76 -3.69 -54.51
CA LYS F 41 0.12 -3.08 -55.67
C LYS F 41 0.91 -3.46 -56.91
N ALA F 42 0.43 -2.99 -58.07
CA ALA F 42 1.06 -3.28 -59.36
C ALA F 42 2.32 -2.42 -59.60
N ASN F 43 2.15 -1.11 -59.52
CA ASN F 43 3.25 -0.14 -59.59
C ASN F 43 3.26 0.78 -58.37
N PRO F 44 3.87 0.32 -57.28
CA PRO F 44 3.82 1.04 -56.00
C PRO F 44 4.57 2.38 -56.05
N ALA F 45 4.04 3.42 -55.42
CA ALA F 45 4.68 4.73 -55.44
C ALA F 45 6.04 4.74 -54.72
N ASN F 46 6.11 4.04 -53.58
CA ASN F 46 7.32 4.07 -52.75
C ASN F 46 8.13 2.80 -52.88
N ASP F 47 9.22 2.91 -53.63
CA ASP F 47 10.07 1.81 -54.07
C ASP F 47 11.52 2.13 -53.71
N LEU F 48 12.36 2.23 -54.73
CA LEU F 48 13.73 2.70 -54.53
C LEU F 48 13.70 4.23 -54.56
N CYS F 49 13.59 4.86 -53.38
CA CYS F 49 13.61 6.32 -53.28
C CYS F 49 14.87 6.90 -53.90
N TYR F 50 16.03 6.33 -53.58
CA TYR F 50 17.21 6.66 -54.34
C TYR F 50 17.20 5.75 -55.56
N PRO F 51 17.35 6.34 -56.76
CA PRO F 51 17.21 5.60 -58.00
C PRO F 51 18.19 4.46 -58.10
N GLY F 52 17.76 3.40 -58.76
CA GLY F 52 18.67 2.31 -58.99
C GLY F 52 17.94 1.05 -59.36
N ASN F 53 18.54 -0.06 -58.96
CA ASN F 53 18.04 -1.37 -59.29
C ASN F 53 18.18 -2.31 -58.10
N PHE F 54 17.18 -3.18 -57.93
CA PHE F 54 17.22 -4.21 -56.90
C PHE F 54 17.49 -5.56 -57.58
N ASN F 55 18.63 -6.17 -57.28
CA ASN F 55 19.02 -7.38 -58.02
C ASN F 55 18.38 -8.69 -57.56
N ASP F 56 18.16 -9.59 -58.51
CA ASP F 56 17.41 -10.83 -58.30
C ASP F 56 16.11 -10.58 -57.54
N TYR F 57 15.41 -9.53 -57.92
CA TYR F 57 14.18 -9.10 -57.27
C TYR F 57 13.09 -10.17 -57.37
N GLU F 58 12.83 -10.64 -58.57
CA GLU F 58 11.80 -11.66 -58.81
C GLU F 58 12.12 -12.94 -58.02
N GLU F 59 13.39 -13.28 -57.93
CA GLU F 59 13.81 -14.45 -57.16
C GLU F 59 13.56 -14.26 -55.67
N LEU F 60 13.82 -13.08 -55.14
CA LEU F 60 13.56 -12.81 -53.73
C LEU F 60 12.08 -12.91 -53.44
N LYS F 61 11.27 -12.34 -54.32
CA LYS F 61 9.83 -12.36 -54.15
C LYS F 61 9.30 -13.76 -54.07
N HIS F 62 9.92 -14.67 -54.81
CA HIS F 62 9.53 -16.06 -54.81
C HIS F 62 9.83 -16.69 -53.45
N LEU F 63 11.03 -16.43 -52.94
CA LEU F 63 11.43 -16.86 -51.61
C LEU F 63 10.42 -16.40 -50.59
N LEU F 64 9.97 -15.15 -50.72
CA LEU F 64 8.97 -14.60 -49.80
C LEU F 64 7.66 -15.35 -49.83
N SER F 65 7.37 -16.05 -50.92
CA SER F 65 6.14 -16.83 -50.97
C SER F 65 6.24 -18.06 -50.04
N ARG F 66 7.43 -18.32 -49.50
CA ARG F 66 7.60 -19.43 -48.55
C ARG F 66 7.89 -18.95 -47.11
N ILE F 67 7.86 -17.63 -46.87
CA ILE F 67 8.17 -17.03 -45.55
C ILE F 67 6.92 -16.46 -44.86
N ASN F 68 6.76 -16.70 -43.56
CA ASN F 68 5.61 -16.14 -42.85
C ASN F 68 5.97 -15.01 -41.86
N HIS F 69 7.24 -14.90 -41.47
CA HIS F 69 7.68 -13.78 -40.62
C HIS F 69 9.20 -13.58 -40.61
N PHE F 70 9.60 -12.32 -40.52
CA PHE F 70 11.01 -11.94 -40.37
C PHE F 70 11.31 -11.48 -38.93
N GLU F 71 12.49 -11.76 -38.40
CA GLU F 71 12.95 -11.03 -37.23
C GLU F 71 14.12 -10.09 -37.57
N LYS F 72 13.91 -8.79 -37.42
CA LYS F 72 14.95 -7.86 -37.76
C LYS F 72 16.00 -7.79 -36.65
N ILE F 73 17.24 -8.03 -37.04
CA ILE F 73 18.34 -7.95 -36.11
C ILE F 73 19.35 -6.93 -36.61
N GLN F 74 20.15 -6.41 -35.68
CA GLN F 74 21.23 -5.53 -36.06
C GLN F 74 22.48 -6.37 -36.20
N ILE F 75 23.13 -6.33 -37.35
CA ILE F 75 24.31 -7.16 -37.50
C ILE F 75 25.56 -6.29 -37.55
N ILE F 76 25.44 -5.05 -38.03
CA ILE F 76 26.54 -4.11 -37.87
C ILE F 76 26.09 -2.79 -37.26
N PRO F 77 26.39 -2.60 -35.98
CA PRO F 77 26.06 -1.33 -35.33
C PRO F 77 26.60 -0.15 -36.14
N LYS F 78 25.73 0.81 -36.43
CA LYS F 78 26.12 2.08 -37.07
C LYS F 78 27.21 2.76 -36.23
N SER F 79 27.13 2.55 -34.92
CA SER F 79 28.08 3.13 -34.00
C SER F 79 29.47 2.47 -34.04
N SER F 80 29.71 1.61 -35.02
CA SER F 80 30.95 0.84 -35.04
C SER F 80 31.79 1.15 -36.26
N TRP F 81 31.41 2.20 -36.97
CA TRP F 81 32.21 2.72 -38.07
C TRP F 81 33.09 3.83 -37.51
N SER F 82 34.28 3.41 -37.11
CA SER F 82 35.23 4.25 -36.35
C SER F 82 35.84 5.32 -37.26
N ASP F 83 36.14 4.91 -38.50
CA ASP F 83 36.90 5.71 -39.46
C ASP F 83 36.09 6.23 -40.64
N HIS F 84 34.79 5.98 -40.62
CA HIS F 84 33.91 6.38 -41.72
C HIS F 84 32.77 7.12 -41.12
N GLU F 85 32.18 8.04 -41.87
CA GLU F 85 31.03 8.80 -41.37
C GLU F 85 29.76 8.08 -41.80
N ALA F 86 28.94 7.69 -40.83
CA ALA F 86 27.81 6.81 -41.13
C ALA F 86 26.45 7.47 -40.95
N SER F 87 26.44 8.77 -40.62
CA SER F 87 25.19 9.46 -40.31
C SER F 87 24.86 10.60 -41.26
N SER F 88 25.71 10.84 -42.27
CA SER F 88 25.39 11.89 -43.23
C SER F 88 25.26 11.37 -44.68
N GLY F 89 25.04 10.07 -44.82
CA GLY F 89 24.69 9.54 -46.13
C GLY F 89 23.18 9.61 -46.31
N VAL F 90 22.68 10.79 -46.60
CA VAL F 90 21.25 11.01 -46.72
C VAL F 90 21.01 11.82 -47.97
N SER F 91 19.79 11.77 -48.46
CA SER F 91 19.49 12.39 -49.73
C SER F 91 18.09 12.94 -49.76
N SER F 92 17.91 14.01 -50.54
CA SER F 92 16.60 14.60 -50.72
C SER F 92 15.73 13.72 -51.63
N ALA F 93 16.31 12.61 -52.11
CA ALA F 93 15.56 11.63 -52.87
C ALA F 93 14.76 10.79 -51.91
N CYS F 94 15.29 10.70 -50.69
CA CYS F 94 14.75 9.84 -49.65
C CYS F 94 14.26 10.69 -48.49
N PRO F 95 13.15 11.40 -48.68
CA PRO F 95 12.84 12.29 -47.58
C PRO F 95 12.14 11.56 -46.44
N TYR F 96 12.35 12.11 -45.26
CA TYR F 96 11.65 11.72 -44.07
C TYR F 96 11.13 13.02 -43.50
N GLN F 97 9.80 13.16 -43.43
CA GLN F 97 9.22 14.42 -43.02
C GLN F 97 9.77 15.61 -43.82
N GLY F 98 9.92 15.45 -45.13
CA GLY F 98 10.42 16.52 -45.95
C GLY F 98 11.87 16.89 -45.67
N THR F 99 12.61 15.98 -45.05
CA THR F 99 14.01 16.20 -44.72
C THR F 99 14.90 15.13 -45.36
N PRO F 100 16.16 15.46 -45.68
CA PRO F 100 17.01 14.42 -46.29
C PRO F 100 17.18 13.16 -45.40
N SER F 101 16.94 11.99 -45.96
CA SER F 101 17.13 10.73 -45.23
C SER F 101 17.70 9.64 -46.16
N PHE F 102 17.52 8.39 -45.77
CA PHE F 102 18.01 7.26 -46.56
C PHE F 102 17.38 5.98 -46.05
N PHE F 103 17.46 4.90 -46.82
CA PHE F 103 16.96 3.59 -46.41
C PHE F 103 17.38 3.29 -44.99
N ARG F 104 16.46 2.77 -44.19
CA ARG F 104 16.75 2.59 -42.78
C ARG F 104 17.62 1.35 -42.50
N ASN F 105 17.51 0.33 -43.36
CA ASN F 105 18.19 -0.93 -43.06
C ASN F 105 19.63 -0.98 -43.55
N VAL F 106 20.03 -0.01 -44.36
CA VAL F 106 21.39 0.02 -44.90
C VAL F 106 22.02 1.36 -44.65
N VAL F 107 23.33 1.44 -44.69
CA VAL F 107 24.02 2.70 -44.35
C VAL F 107 24.92 3.15 -45.48
N TRP F 108 24.69 4.38 -45.95
CA TRP F 108 25.49 5.00 -46.99
C TRP F 108 26.75 5.62 -46.43
N LEU F 109 27.81 4.84 -46.26
CA LEU F 109 29.04 5.33 -45.65
C LEU F 109 29.79 6.31 -46.54
N ILE F 110 30.22 7.40 -45.92
CA ILE F 110 30.94 8.50 -46.56
C ILE F 110 32.29 8.63 -45.88
N LYS F 111 33.27 9.27 -46.52
CA LYS F 111 34.57 9.51 -45.90
C LYS F 111 34.45 10.35 -44.62
N LYS F 112 35.34 10.10 -43.67
CA LYS F 112 35.39 10.92 -42.45
C LYS F 112 36.79 11.48 -42.39
N ASN F 113 36.91 12.77 -42.10
CA ASN F 113 38.20 13.48 -42.08
C ASN F 113 38.98 13.25 -43.36
N ASN F 114 38.27 13.39 -44.48
CA ASN F 114 38.88 13.42 -45.79
C ASN F 114 39.70 12.16 -46.08
N THR F 115 39.18 11.03 -45.61
CA THR F 115 39.86 9.76 -45.80
C THR F 115 38.83 8.63 -45.69
N TYR F 116 38.94 7.65 -46.56
CA TYR F 116 38.04 6.49 -46.57
C TYR F 116 38.89 5.24 -46.58
N PRO F 117 39.28 4.77 -45.37
CA PRO F 117 40.14 3.59 -45.24
C PRO F 117 39.45 2.36 -45.79
N THR F 118 40.22 1.39 -46.27
CA THR F 118 39.68 0.15 -46.80
C THR F 118 38.94 -0.62 -45.71
N ILE F 119 37.69 -0.94 -45.95
CA ILE F 119 36.90 -1.72 -45.00
C ILE F 119 37.15 -3.24 -45.10
N LYS F 120 37.43 -3.88 -43.96
CA LYS F 120 37.56 -5.34 -43.90
C LYS F 120 36.76 -5.84 -42.73
N ARG F 121 35.48 -6.01 -42.97
CA ARG F 121 34.50 -6.33 -41.97
C ARG F 121 34.03 -7.77 -42.21
N SER F 122 33.50 -8.45 -41.18
CA SER F 122 32.92 -9.79 -41.39
C SER F 122 31.88 -10.13 -40.33
N TYR F 123 30.89 -10.91 -40.72
CA TYR F 123 29.80 -11.28 -39.83
C TYR F 123 29.52 -12.80 -39.91
N ASN F 124 29.62 -13.50 -38.79
CA ASN F 124 29.36 -14.94 -38.71
C ASN F 124 27.93 -15.18 -38.22
N ASN F 125 27.16 -16.00 -38.93
CA ASN F 125 25.75 -16.21 -38.59
C ASN F 125 25.52 -17.12 -37.37
N THR F 126 25.46 -16.51 -36.21
CA THR F 126 25.28 -17.23 -34.95
C THR F 126 23.84 -17.19 -34.43
N ASN F 127 22.93 -16.74 -35.29
CA ASN F 127 21.52 -16.61 -34.97
C ASN F 127 20.66 -17.87 -35.12
N GLN F 128 21.27 -19.00 -35.46
CA GLN F 128 20.60 -20.30 -35.62
C GLN F 128 19.57 -20.42 -36.79
N GLU F 129 19.31 -19.31 -37.50
CA GLU F 129 18.36 -19.34 -38.63
C GLU F 129 18.99 -18.74 -39.88
N ASP F 130 18.40 -19.00 -41.04
CA ASP F 130 18.86 -18.38 -42.28
C ASP F 130 18.74 -16.86 -42.14
N LEU F 131 19.75 -16.14 -42.56
CA LEU F 131 19.78 -14.68 -42.38
C LEU F 131 19.69 -13.97 -43.71
N LEU F 132 18.69 -13.11 -43.88
CA LEU F 132 18.60 -12.35 -45.12
C LEU F 132 19.38 -11.02 -44.98
N ILE F 133 20.41 -10.84 -45.80
CA ILE F 133 21.31 -9.68 -45.73
C ILE F 133 21.30 -8.86 -47.02
N LEU F 134 21.06 -7.57 -46.91
CA LEU F 134 21.07 -6.69 -48.08
C LEU F 134 22.21 -5.67 -47.98
N TRP F 135 22.75 -5.29 -49.13
CA TRP F 135 23.80 -4.28 -49.20
C TRP F 135 23.69 -3.58 -50.54
N GLY F 136 24.53 -2.61 -50.84
CA GLY F 136 24.43 -2.01 -52.15
C GLY F 136 25.74 -1.39 -52.60
N ILE F 137 25.78 -0.94 -53.85
CA ILE F 137 26.90 -0.14 -54.33
C ILE F 137 26.35 1.11 -54.98
N HIS F 138 27.02 2.23 -54.77
CA HIS F 138 26.62 3.51 -55.34
C HIS F 138 27.42 3.84 -56.60
N HIS F 139 26.74 3.94 -57.74
CA HIS F 139 27.38 4.42 -58.96
C HIS F 139 27.19 5.91 -59.02
N SER F 140 28.26 6.68 -58.77
CA SER F 140 28.15 8.13 -58.62
C SER F 140 28.13 8.83 -59.96
N ASN F 141 27.77 10.10 -59.92
CA ASN F 141 27.66 10.94 -61.13
C ASN F 141 28.89 11.12 -61.98
N ASP F 142 29.91 11.73 -61.40
CA ASP F 142 31.10 12.06 -62.15
C ASP F 142 32.28 11.97 -61.19
N ALA F 143 33.47 12.27 -61.71
CA ALA F 143 34.68 12.04 -60.94
C ALA F 143 34.67 12.89 -59.69
N ALA F 144 34.03 14.06 -59.79
CA ALA F 144 34.03 15.05 -58.72
C ALA F 144 33.25 14.57 -57.53
N GLU F 145 32.02 14.14 -57.79
CA GLU F 145 31.16 13.57 -56.77
C GLU F 145 31.80 12.34 -56.12
N GLN F 146 32.50 11.54 -56.92
CA GLN F 146 33.18 10.37 -56.39
C GLN F 146 34.13 10.77 -55.30
N THR F 147 34.97 11.76 -55.60
CA THR F 147 35.90 12.28 -54.62
C THR F 147 35.21 13.08 -53.52
N LYS F 148 34.07 13.72 -53.80
CA LYS F 148 33.37 14.47 -52.76
C LYS F 148 32.91 13.58 -51.62
N LEU F 149 32.55 12.34 -51.95
CA LEU F 149 31.96 11.39 -51.01
C LEU F 149 32.95 10.41 -50.40
N TYR F 150 33.84 9.91 -51.26
CA TYR F 150 34.87 8.94 -50.93
C TYR F 150 36.14 9.62 -51.34
N GLN F 151 37.27 9.40 -50.72
CA GLN F 151 38.37 10.30 -51.11
C GLN F 151 38.98 9.73 -52.40
N ASN F 152 38.74 8.44 -52.58
CA ASN F 152 39.34 7.61 -53.60
C ASN F 152 38.60 7.57 -54.93
N PRO F 153 39.28 7.94 -56.02
CA PRO F 153 38.65 7.87 -57.34
C PRO F 153 38.49 6.46 -57.88
N THR F 154 39.27 5.51 -57.39
CA THR F 154 39.21 4.14 -57.90
C THR F 154 38.80 3.14 -56.83
N THR F 155 37.54 2.70 -56.90
CA THR F 155 36.98 1.95 -55.80
C THR F 155 36.29 0.67 -56.22
N TYR F 156 35.93 -0.13 -55.24
CA TYR F 156 35.29 -1.43 -55.47
C TYR F 156 34.51 -1.87 -54.24
N ILE F 157 33.59 -2.79 -54.48
CA ILE F 157 32.84 -3.48 -53.44
C ILE F 157 33.17 -4.96 -53.53
N SER F 158 33.46 -5.58 -52.40
CA SER F 158 33.79 -7.00 -52.40
C SER F 158 32.99 -7.74 -51.34
N VAL F 159 32.19 -8.69 -51.76
CA VAL F 159 31.36 -9.45 -50.84
C VAL F 159 31.45 -10.94 -51.14
N GLY F 160 31.54 -11.75 -50.10
CA GLY F 160 31.66 -13.17 -50.28
C GLY F 160 31.18 -13.99 -49.11
N THR F 161 30.49 -15.09 -49.42
CA THR F 161 30.17 -16.10 -48.44
C THR F 161 30.64 -17.40 -49.03
N SER F 162 30.22 -18.52 -48.44
CA SER F 162 30.60 -19.81 -48.95
C SER F 162 30.06 -20.02 -50.34
N THR F 163 28.92 -19.41 -50.59
CA THR F 163 28.18 -19.63 -51.81
C THR F 163 27.98 -18.35 -52.58
N LEU F 164 28.87 -17.38 -52.37
CA LEU F 164 28.81 -16.09 -53.03
C LEU F 164 30.20 -15.48 -53.19
N ASN F 165 30.48 -14.94 -54.37
CA ASN F 165 31.72 -14.24 -54.64
C ASN F 165 31.41 -13.04 -55.50
N GLN F 166 31.35 -11.87 -54.89
CA GLN F 166 31.07 -10.66 -55.64
C GLN F 166 32.21 -9.63 -55.53
N ARG F 167 32.69 -9.14 -56.66
CA ARG F 167 33.56 -7.97 -56.69
C ARG F 167 33.09 -6.97 -57.73
N LEU F 168 32.46 -5.90 -57.24
CA LEU F 168 31.85 -4.93 -58.13
C LEU F 168 32.59 -3.60 -58.13
N VAL F 169 32.55 -2.94 -59.28
CA VAL F 169 33.15 -1.64 -59.47
C VAL F 169 32.09 -0.58 -59.83
N PRO F 170 32.12 0.59 -59.18
CA PRO F 170 31.11 1.59 -59.50
C PRO F 170 31.22 2.09 -60.94
N LYS F 171 30.08 2.20 -61.61
CA LYS F 171 30.07 2.61 -63.00
C LYS F 171 29.75 4.10 -63.16
N ILE F 172 30.79 4.92 -63.11
CA ILE F 172 30.63 6.37 -63.10
C ILE F 172 30.31 7.01 -64.49
N ALA F 173 29.14 7.65 -64.54
CA ALA F 173 28.61 8.45 -65.67
C ALA F 173 27.26 9.05 -65.26
N THR F 174 26.94 10.26 -65.71
CA THR F 174 25.73 10.96 -65.22
C THR F 174 24.42 10.62 -65.96
N ARG F 175 23.60 9.81 -65.31
CA ARG F 175 22.30 9.42 -65.84
C ARG F 175 21.24 10.53 -65.69
N SER F 176 20.11 10.36 -66.38
CA SER F 176 19.01 11.34 -66.31
C SER F 176 18.45 11.31 -64.88
N LYS F 177 18.00 12.47 -64.40
CA LYS F 177 17.64 12.58 -62.99
C LYS F 177 16.36 11.81 -62.72
N VAL F 178 16.38 11.08 -61.61
CA VAL F 178 15.21 10.45 -61.05
C VAL F 178 15.20 10.81 -59.56
N ASN F 179 14.16 11.53 -59.16
CA ASN F 179 14.03 12.05 -57.81
C ASN F 179 15.16 13.01 -57.41
N GLY F 180 15.66 13.79 -58.38
CA GLY F 180 16.72 14.76 -58.14
C GLY F 180 18.12 14.22 -58.39
N GLN F 181 18.22 12.90 -58.50
CA GLN F 181 19.52 12.20 -58.50
C GLN F 181 19.94 11.67 -59.86
N SER F 182 21.21 11.88 -60.20
CA SER F 182 21.73 11.50 -61.51
C SER F 182 22.67 10.30 -61.38
N GLY F 183 22.92 9.91 -60.15
CA GLY F 183 23.61 8.67 -59.87
C GLY F 183 22.63 7.53 -59.69
N ARG F 184 23.14 6.32 -59.51
CA ARG F 184 22.29 5.17 -59.27
C ARG F 184 22.83 4.38 -58.10
N MET F 185 22.04 3.40 -57.67
CA MET F 185 22.48 2.42 -56.71
C MET F 185 22.03 1.02 -57.14
N ASP F 186 22.94 0.05 -57.08
CA ASP F 186 22.56 -1.34 -57.20
C ASP F 186 22.42 -1.93 -55.83
N PHE F 187 21.36 -2.69 -55.60
CA PHE F 187 21.22 -3.41 -54.34
C PHE F 187 21.28 -4.92 -54.55
N PHE F 188 21.75 -5.61 -53.52
CA PHE F 188 21.96 -7.03 -53.61
C PHE F 188 21.55 -7.65 -52.30
N TRP F 189 21.29 -8.94 -52.34
CA TRP F 189 20.91 -9.65 -51.15
C TRP F 189 21.42 -11.06 -51.20
N THR F 190 21.58 -11.65 -50.02
CA THR F 190 21.91 -13.06 -49.96
C THR F 190 21.24 -13.67 -48.75
N ILE F 191 21.22 -14.99 -48.73
CA ILE F 191 20.77 -15.72 -47.55
C ILE F 191 22.01 -16.35 -46.94
N LEU F 192 22.30 -15.96 -45.72
CA LEU F 192 23.47 -16.42 -45.01
C LEU F 192 23.08 -17.58 -44.10
N LYS F 193 23.53 -18.78 -44.44
CA LYS F 193 23.19 -19.98 -43.67
C LYS F 193 23.79 -19.93 -42.29
N PRO F 194 23.15 -20.61 -41.31
CA PRO F 194 23.71 -20.71 -39.96
C PRO F 194 25.14 -21.20 -40.00
N ASN F 195 25.99 -20.48 -39.28
CA ASN F 195 27.42 -20.75 -39.13
C ASN F 195 28.29 -20.32 -40.29
N ASP F 196 27.71 -19.83 -41.36
CA ASP F 196 28.53 -19.30 -42.43
C ASP F 196 28.89 -17.86 -42.12
N ALA F 197 29.88 -17.32 -42.81
CA ALA F 197 30.26 -15.92 -42.64
C ALA F 197 30.08 -15.16 -43.95
N ILE F 198 29.78 -13.88 -43.83
CA ILE F 198 29.83 -13.03 -44.99
C ILE F 198 31.01 -12.09 -44.76
N ASN F 199 31.76 -11.80 -45.83
CA ASN F 199 32.93 -10.92 -45.73
C ASN F 199 32.77 -9.66 -46.59
N PHE F 200 32.92 -8.49 -45.97
CA PHE F 200 32.77 -7.22 -46.69
C PHE F 200 34.08 -6.50 -46.86
N GLU F 201 34.32 -6.01 -48.07
CA GLU F 201 35.50 -5.21 -48.30
C GLU F 201 35.31 -4.14 -49.36
N SER F 202 35.71 -2.93 -49.02
CA SER F 202 35.54 -1.79 -49.90
C SER F 202 36.46 -0.62 -49.55
N ASN F 203 36.77 0.21 -50.52
CA ASN F 203 37.42 1.49 -50.25
C ASN F 203 36.61 2.64 -50.83
N GLY F 204 35.30 2.42 -51.01
CA GLY F 204 34.38 3.46 -51.43
C GLY F 204 33.14 2.91 -52.12
N ASN F 205 32.08 3.72 -52.16
CA ASN F 205 30.83 3.40 -52.86
C ASN F 205 30.02 2.21 -52.29
N PHE F 206 30.27 1.85 -51.03
CA PHE F 206 29.67 0.69 -50.40
C PHE F 206 28.46 1.11 -49.57
N ILE F 207 27.30 0.53 -49.84
CA ILE F 207 26.09 0.74 -49.04
C ILE F 207 25.97 -0.44 -48.09
N ALA F 208 26.36 -0.24 -46.85
CA ALA F 208 26.61 -1.35 -45.93
C ALA F 208 25.35 -1.82 -45.24
N PRO F 209 25.32 -3.10 -44.84
CA PRO F 209 24.21 -3.59 -44.02
C PRO F 209 24.22 -2.98 -42.64
N GLU F 210 23.05 -2.61 -42.12
CA GLU F 210 22.96 -2.31 -40.69
C GLU F 210 22.09 -3.36 -40.04
N TYR F 211 20.89 -3.51 -40.60
CA TYR F 211 19.92 -4.49 -40.14
C TYR F 211 19.83 -5.60 -41.19
N ALA F 212 19.48 -6.78 -40.73
CA ALA F 212 19.25 -7.93 -41.58
C ALA F 212 18.06 -8.67 -41.04
N TYR F 213 17.55 -9.65 -41.77
CA TYR F 213 16.32 -10.34 -41.38
C TYR F 213 16.50 -11.84 -41.16
N LYS F 214 16.23 -12.33 -39.96
CA LYS F 214 16.16 -13.78 -39.76
C LYS F 214 14.88 -14.37 -40.32
N ILE F 215 15.03 -15.43 -41.08
CA ILE F 215 13.88 -16.10 -41.62
C ILE F 215 13.38 -17.02 -40.53
N VAL F 216 12.38 -16.54 -39.79
CA VAL F 216 12.00 -17.14 -38.52
C VAL F 216 10.78 -18.05 -38.68
N LYS F 217 9.80 -17.60 -39.47
CA LYS F 217 8.60 -18.41 -39.73
C LYS F 217 8.48 -18.74 -41.22
N LYS F 218 8.15 -20.01 -41.53
CA LYS F 218 7.91 -20.41 -42.91
C LYS F 218 6.52 -20.99 -43.08
N GLY F 219 6.24 -21.52 -44.27
CA GLY F 219 4.92 -22.07 -44.58
C GLY F 219 4.31 -21.36 -45.78
N ASP F 220 3.01 -21.49 -45.98
CA ASP F 220 2.46 -20.95 -47.22
C ASP F 220 2.08 -19.50 -47.07
N SER F 221 2.80 -18.71 -47.87
CA SER F 221 2.46 -17.34 -48.14
C SER F 221 2.30 -17.20 -49.66
N ALA F 222 2.25 -15.95 -50.12
CA ALA F 222 2.12 -15.60 -51.53
C ALA F 222 2.15 -14.08 -51.67
N ILE F 223 2.61 -13.57 -52.80
CA ILE F 223 2.41 -12.15 -53.08
C ILE F 223 1.18 -12.01 -53.98
N VAL F 224 0.34 -11.01 -53.71
CA VAL F 224 -0.87 -10.76 -54.51
C VAL F 224 -0.95 -9.28 -54.98
C1 NAG G . 42.58 14.21 -39.79
C2 NAG G . 42.74 14.24 -38.27
C3 NAG G . 44.10 14.80 -37.87
C4 NAG G . 45.20 13.94 -38.50
C5 NAG G . 45.05 14.10 -40.02
C6 NAG G . 46.12 13.40 -40.82
C7 NAG G . 40.78 14.43 -36.84
C8 NAG G . 39.73 15.34 -36.25
N2 NAG G . 41.68 15.01 -37.64
O3 NAG G . 44.19 14.81 -36.45
O4 NAG G . 46.50 14.29 -38.06
O5 NAG G . 43.78 13.57 -40.41
O6 NAG G . 46.12 12.00 -40.65
O7 NAG G . 40.81 13.21 -36.60
C1 NAG H . 31.32 -19.20 -37.60
C2 NAG H . 32.51 -19.90 -38.29
C3 NAG H . 32.50 -21.39 -37.99
C4 NAG H . 32.49 -21.63 -36.48
C5 NAG H . 31.23 -20.98 -35.92
C6 NAG H . 31.05 -21.17 -34.42
C7 NAG H . 33.49 -19.15 -40.40
C8 NAG H . 33.27 -18.97 -41.87
N2 NAG H . 32.46 -19.66 -39.72
O3 NAG H . 33.65 -21.96 -38.62
O4 NAG H . 32.52 -23.02 -36.13
O5 NAG H . 31.31 -19.56 -36.18
O6 NAG H . 31.65 -20.14 -33.63
O7 NAG H . 34.55 -18.84 -39.85
#